data_5ZGA
#
_entry.id   5ZGA
#
_cell.length_a   74.040
_cell.length_b   92.555
_cell.length_c   76.075
_cell.angle_alpha   90.000
_cell.angle_beta   109.390
_cell.angle_gamma   90.000
#
_symmetry.space_group_name_H-M   'P 1 21 1'
#
loop_
_entity.id
_entity.type
_entity.pdbx_description
1 polymer 'Triosephosphate isomerase'
2 water water
#
_entity_poly.entity_id   1
_entity_poly.type   'polypeptide(L)'
_entity_poly.pdbx_seq_one_letter_code
;MGSSHHHHHHSSGLVPRGSHMPTDRKFFVGGNWKMNGSKKENDKLIEMLTHAKIDPNTEVLVAPPALYLPSVREKLDKRF
HVAAQNCYKVPSGAFTGEVSPAMLKDVGCDWVILGHSERRHILLETDQLVGEKTAHAISAGVNVIACIGEKLEEREAGKT
EEVCFRQMEAIRKNLSMWNHIVIAYEPVWAIGTGKTATEQQAQEVHLAVRRWMEEKVSPAVAKSIRIIYGGSVTAANCRT
LAKQPDVDGFLVGGASLKPDFIEICNANA
;
_entity_poly.pdbx_strand_id   A,B,C,D
#
# COMPACT_ATOMS: atom_id res chain seq x y z
N ARG A 25 -28.05 -15.81 5.64
CA ARG A 25 -27.39 -14.73 4.95
C ARG A 25 -28.39 -13.67 4.50
N LYS A 26 -28.12 -12.42 4.81
CA LYS A 26 -29.05 -11.36 4.44
C LYS A 26 -28.93 -11.05 2.96
N PHE A 27 -30.06 -11.08 2.26
CA PHE A 27 -30.09 -10.78 0.83
C PHE A 27 -29.60 -9.36 0.57
N PHE A 28 -28.87 -9.18 -0.53
CA PHE A 28 -28.12 -7.95 -0.81
C PHE A 28 -28.29 -7.57 -2.27
N VAL A 29 -28.82 -6.38 -2.55
CA VAL A 29 -28.99 -5.94 -3.94
C VAL A 29 -28.34 -4.57 -4.10
N GLY A 30 -27.34 -4.50 -4.98
CA GLY A 30 -26.64 -3.27 -5.29
C GLY A 30 -26.92 -2.82 -6.70
N GLY A 31 -27.20 -1.53 -6.87
CA GLY A 31 -27.39 -0.97 -8.19
C GLY A 31 -26.18 -0.17 -8.65
N ASN A 32 -25.46 -0.66 -9.65
CA ASN A 32 -24.29 0.03 -10.17
C ASN A 32 -24.74 0.93 -11.32
N TRP A 33 -24.78 2.24 -11.07
CA TRP A 33 -25.24 3.18 -12.10
C TRP A 33 -24.25 3.33 -13.23
N LYS A 34 -22.99 2.90 -13.04
CA LYS A 34 -21.88 3.06 -13.99
C LYS A 34 -21.78 4.56 -14.34
N MET A 35 -21.38 4.87 -15.58
CA MET A 35 -21.19 6.26 -15.98
C MET A 35 -22.52 6.80 -16.52
N ASN A 36 -23.46 6.95 -15.58
CA ASN A 36 -24.78 7.49 -15.86
C ASN A 36 -25.18 8.32 -14.66
N GLY A 37 -25.59 9.54 -14.92
CA GLY A 37 -26.04 10.37 -13.83
C GLY A 37 -26.00 11.83 -14.18
N SER A 38 -26.87 12.59 -13.53
CA SER A 38 -26.98 14.03 -13.65
C SER A 38 -27.90 14.46 -12.53
N LYS A 39 -27.87 15.74 -12.16
CA LYS A 39 -28.74 16.19 -11.08
C LYS A 39 -30.20 15.81 -11.36
N LYS A 40 -30.65 16.01 -12.60
CA LYS A 40 -32.05 15.72 -12.92
C LYS A 40 -32.35 14.23 -12.85
N GLU A 41 -31.50 13.41 -13.46
CA GLU A 41 -31.78 11.98 -13.48
C GLU A 41 -31.55 11.35 -12.12
N ASN A 42 -30.57 11.84 -11.36
CA ASN A 42 -30.37 11.31 -10.02
C ASN A 42 -31.60 11.57 -9.17
N ASP A 43 -32.19 12.76 -9.31
CA ASP A 43 -33.40 13.08 -8.54
C ASP A 43 -34.54 12.14 -8.89
N LYS A 44 -34.68 11.76 -10.18
CA LYS A 44 -35.74 10.81 -10.51
C LYS A 44 -35.46 9.44 -9.90
N LEU A 45 -34.20 9.01 -9.90
CA LEU A 45 -33.84 7.72 -9.31
C LEU A 45 -34.03 7.76 -7.80
N ILE A 46 -33.66 8.87 -7.15
CA ILE A 46 -33.84 8.97 -5.70
C ILE A 46 -35.32 8.94 -5.36
N GLU A 47 -36.16 9.63 -6.13
CA GLU A 47 -37.59 9.57 -5.87
C GLU A 47 -38.12 8.16 -6.08
N MET A 48 -37.61 7.46 -7.09
CA MET A 48 -38.03 6.08 -7.32
C MET A 48 -37.72 5.20 -6.12
N LEU A 49 -36.50 5.34 -5.57
CA LEU A 49 -36.12 4.55 -4.39
C LEU A 49 -36.96 4.94 -3.18
N THR A 50 -37.21 6.25 -3.00
CA THR A 50 -37.96 6.73 -1.85
C THR A 50 -39.41 6.29 -1.87
N HIS A 51 -40.02 6.23 -3.06
CA HIS A 51 -41.42 5.85 -3.14
C HIS A 51 -41.61 4.34 -3.15
N ALA A 52 -40.54 3.57 -3.28
CA ALA A 52 -40.65 2.13 -3.34
C ALA A 52 -40.92 1.53 -1.98
N LYS A 53 -41.61 0.39 -1.99
CA LYS A 53 -41.67 -0.51 -0.85
C LYS A 53 -40.68 -1.64 -1.09
N ILE A 54 -39.65 -1.73 -0.28
CA ILE A 54 -38.63 -2.74 -0.46
C ILE A 54 -38.62 -3.64 0.77
N ASP A 55 -38.53 -4.95 0.54
CA ASP A 55 -38.45 -5.99 1.56
C ASP A 55 -37.52 -5.49 2.66
N PRO A 56 -38.02 -5.33 3.89
CA PRO A 56 -37.17 -4.78 4.94
C PRO A 56 -35.98 -5.65 5.29
N ASN A 57 -36.00 -6.92 4.91
CA ASN A 57 -34.90 -7.84 5.16
C ASN A 57 -33.82 -7.81 4.08
N THR A 58 -33.98 -6.99 3.06
CA THR A 58 -32.99 -6.89 1.99
C THR A 58 -32.13 -5.65 2.17
N GLU A 59 -30.82 -5.85 2.10
CA GLU A 59 -29.85 -4.77 2.10
C GLU A 59 -29.76 -4.16 0.71
N VAL A 60 -29.92 -2.84 0.59
CA VAL A 60 -29.99 -2.21 -0.73
C VAL A 60 -28.91 -1.14 -0.82
N LEU A 61 -28.22 -1.11 -1.96
CA LEU A 61 -27.13 -0.19 -2.20
C LEU A 61 -27.27 0.42 -3.60
N VAL A 62 -26.88 1.69 -3.75
CA VAL A 62 -26.74 2.29 -5.08
C VAL A 62 -25.36 2.91 -5.18
N ALA A 63 -24.82 2.99 -6.40
CA ALA A 63 -23.44 3.45 -6.63
C ALA A 63 -23.47 4.48 -7.75
N PRO A 64 -23.56 5.77 -7.41
CA PRO A 64 -23.56 6.83 -8.42
C PRO A 64 -22.15 7.18 -8.83
N PRO A 65 -21.98 7.94 -9.91
CA PRO A 65 -20.66 8.47 -10.26
C PRO A 65 -20.12 9.34 -9.13
N ALA A 66 -18.78 9.43 -9.05
CA ALA A 66 -18.12 10.00 -7.87
C ALA A 66 -18.52 11.45 -7.62
N LEU A 67 -18.71 12.23 -8.70
CA LEU A 67 -19.15 13.62 -8.60
C LEU A 67 -20.43 13.76 -7.80
N TYR A 68 -21.28 12.75 -7.82
CA TYR A 68 -22.61 12.84 -7.21
C TYR A 68 -22.72 12.11 -5.88
N LEU A 69 -21.66 11.44 -5.44
CA LEU A 69 -21.72 10.71 -4.18
C LEU A 69 -22.16 11.56 -2.99
N PRO A 70 -21.59 12.75 -2.74
CA PRO A 70 -22.03 13.49 -1.55
C PRO A 70 -23.49 13.89 -1.61
N SER A 71 -23.97 14.33 -2.77
CA SER A 71 -25.35 14.78 -2.86
C SER A 71 -26.33 13.61 -2.76
N VAL A 72 -26.02 12.49 -3.43
CA VAL A 72 -26.92 11.33 -3.37
C VAL A 72 -27.00 10.80 -1.94
N ARG A 73 -25.85 10.76 -1.24
CA ARG A 73 -25.85 10.27 0.14
C ARG A 73 -26.65 11.19 1.06
N GLU A 74 -26.55 12.50 0.83
CA GLU A 74 -27.30 13.49 1.60
C GLU A 74 -28.80 13.28 1.41
N LYS A 75 -29.20 12.97 0.18
CA LYS A 75 -30.60 12.98 -0.21
C LYS A 75 -31.31 11.65 0.00
N LEU A 76 -30.58 10.55 0.13
CA LEU A 76 -31.19 9.23 0.28
C LEU A 76 -31.20 8.85 1.74
N ASP A 77 -32.33 8.29 2.21
CA ASP A 77 -32.41 7.81 3.57
C ASP A 77 -31.32 6.78 3.86
N LYS A 78 -30.91 6.72 5.12
CA LYS A 78 -29.80 5.83 5.48
C LYS A 78 -30.15 4.34 5.38
N ARG A 79 -31.43 4.01 5.16
CA ARG A 79 -31.80 2.64 4.80
C ARG A 79 -31.04 2.15 3.57
N PHE A 80 -30.63 3.05 2.68
CA PHE A 80 -29.90 2.72 1.47
C PHE A 80 -28.42 2.99 1.70
N HIS A 81 -27.56 2.05 1.27
CA HIS A 81 -26.15 2.33 1.21
C HIS A 81 -25.84 3.11 -0.05
N VAL A 82 -24.85 3.98 0.02
CA VAL A 82 -24.36 4.72 -1.14
C VAL A 82 -22.88 4.39 -1.29
N ALA A 83 -22.51 3.89 -2.48
CA ALA A 83 -21.17 3.35 -2.75
C ALA A 83 -20.48 4.11 -3.87
N ALA A 84 -19.16 4.24 -3.74
CA ALA A 84 -18.32 4.62 -4.86
C ALA A 84 -18.16 3.44 -5.80
N GLN A 85 -17.89 3.74 -7.09
CA GLN A 85 -17.66 2.72 -8.09
C GLN A 85 -16.21 2.32 -8.20
N ASN A 86 -15.32 2.93 -7.40
CA ASN A 86 -13.89 2.65 -7.41
C ASN A 86 -13.25 3.54 -6.35
N CYS A 87 -12.09 3.11 -5.86
CA CYS A 87 -11.25 3.97 -5.02
C CYS A 87 -9.83 3.45 -5.14
N TYR A 88 -8.89 4.11 -4.46
CA TYR A 88 -7.49 3.71 -4.56
C TYR A 88 -7.03 3.03 -3.26
N LYS A 89 -5.72 2.76 -3.14
CA LYS A 89 -5.21 1.84 -2.14
C LYS A 89 -4.37 2.51 -1.03
N VAL A 90 -4.33 3.83 -0.97
CA VAL A 90 -3.71 4.59 0.12
C VAL A 90 -4.60 5.83 0.38
N PRO A 91 -4.42 6.49 1.53
CA PRO A 91 -5.36 7.60 1.84
C PRO A 91 -5.13 8.84 1.02
N SER A 92 -3.91 9.09 0.59
CA SER A 92 -3.57 10.31 -0.15
C SER A 92 -2.28 10.05 -0.92
N GLY A 93 -2.01 10.90 -1.90
CA GLY A 93 -0.73 10.86 -2.58
C GLY A 93 -0.86 11.39 -3.99
N ALA A 94 0.20 11.18 -4.76
CA ALA A 94 0.35 11.78 -6.09
C ALA A 94 -0.27 10.83 -7.12
N PHE A 95 -1.60 10.75 -7.06
CA PHE A 95 -2.38 9.87 -7.93
C PHE A 95 -3.51 10.71 -8.54
N THR A 96 -3.13 11.51 -9.54
CA THR A 96 -4.06 12.43 -10.18
C THR A 96 -5.25 11.62 -10.71
N GLY A 97 -6.47 12.07 -10.39
CA GLY A 97 -7.66 11.39 -10.85
C GLY A 97 -8.19 10.27 -9.95
N GLU A 98 -7.53 9.96 -8.83
CA GLU A 98 -7.96 8.90 -7.94
C GLU A 98 -8.53 9.46 -6.63
N VAL A 99 -9.40 8.69 -5.98
CA VAL A 99 -9.98 9.04 -4.69
C VAL A 99 -9.76 7.88 -3.72
N SER A 100 -9.71 8.21 -2.42
CA SER A 100 -9.36 7.24 -1.38
C SER A 100 -10.54 6.91 -0.49
N PRO A 101 -10.49 5.75 0.20
CA PRO A 101 -11.51 5.47 1.22
C PRO A 101 -11.65 6.56 2.25
N ALA A 102 -10.54 7.20 2.66
CA ALA A 102 -10.69 8.29 3.63
C ALA A 102 -11.64 9.38 3.10
N MET A 103 -11.53 9.71 1.81
CA MET A 103 -12.41 10.70 1.19
C MET A 103 -13.85 10.22 1.15
N LEU A 104 -14.05 8.92 0.86
CA LEU A 104 -15.40 8.38 0.88
C LEU A 104 -16.04 8.59 2.24
N LYS A 105 -15.31 8.27 3.32
CA LYS A 105 -15.87 8.43 4.66
C LYS A 105 -16.14 9.89 4.97
N ASP A 106 -15.27 10.77 4.45
CA ASP A 106 -15.39 12.20 4.67
C ASP A 106 -16.69 12.75 4.09
N VAL A 107 -17.21 12.15 3.02
CA VAL A 107 -18.49 12.60 2.44
C VAL A 107 -19.64 11.68 2.84
N GLY A 108 -19.43 10.83 3.83
CA GLY A 108 -20.51 10.05 4.43
C GLY A 108 -20.78 8.72 3.78
N CYS A 109 -19.90 8.26 2.89
CA CYS A 109 -20.13 7.01 2.15
C CYS A 109 -19.22 5.92 2.68
N ASP A 110 -19.78 4.75 2.96
CA ASP A 110 -18.97 3.70 3.60
C ASP A 110 -18.93 2.43 2.77
N TRP A 111 -19.17 2.51 1.46
CA TRP A 111 -19.12 1.35 0.56
C TRP A 111 -18.36 1.72 -0.71
N VAL A 112 -17.72 0.69 -1.31
CA VAL A 112 -17.07 0.85 -2.60
C VAL A 112 -17.18 -0.46 -3.38
N ILE A 113 -17.35 -0.36 -4.71
CA ILE A 113 -17.22 -1.50 -5.64
C ILE A 113 -15.79 -1.55 -6.17
N LEU A 114 -15.14 -2.70 -6.04
CA LEU A 114 -13.74 -2.82 -6.46
C LEU A 114 -13.60 -4.02 -7.39
N GLY A 115 -12.76 -3.87 -8.43
CA GLY A 115 -12.49 -4.99 -9.31
C GLY A 115 -13.57 -5.27 -10.33
N HIS A 116 -14.47 -4.32 -10.57
CA HIS A 116 -15.50 -4.54 -11.59
C HIS A 116 -14.84 -4.88 -12.93
N SER A 117 -15.51 -5.73 -13.71
CA SER A 117 -14.96 -6.20 -14.98
C SER A 117 -14.54 -5.04 -15.88
N GLU A 118 -15.30 -3.95 -15.89
CA GLU A 118 -14.91 -2.83 -16.75
C GLU A 118 -13.58 -2.22 -16.30
N ARG A 119 -13.33 -2.19 -15.00
CA ARG A 119 -12.05 -1.64 -14.53
C ARG A 119 -10.89 -2.61 -14.77
N ARG A 120 -11.13 -3.92 -14.67
CA ARG A 120 -10.08 -4.91 -14.93
C ARG A 120 -9.72 -4.95 -16.41
N HIS A 121 -10.72 -4.99 -17.29
CA HIS A 121 -10.46 -5.34 -18.67
C HIS A 121 -10.43 -4.16 -19.62
N ILE A 122 -11.09 -3.06 -19.29
CA ILE A 122 -10.99 -1.85 -20.11
C ILE A 122 -9.94 -0.90 -19.56
N LEU A 123 -9.96 -0.68 -18.26
CA LEU A 123 -9.05 0.26 -17.59
C LEU A 123 -7.82 -0.43 -16.97
N LEU A 124 -7.66 -1.74 -17.18
CA LEU A 124 -6.37 -2.44 -17.04
C LEU A 124 -5.91 -2.63 -15.60
N GLU A 125 -6.84 -2.68 -14.64
CA GLU A 125 -6.48 -2.93 -13.26
C GLU A 125 -6.12 -4.39 -13.06
N THR A 126 -4.98 -4.64 -12.41
CA THR A 126 -4.49 -6.01 -12.19
C THR A 126 -5.14 -6.65 -10.96
N ASP A 127 -5.00 -7.99 -10.88
CA ASP A 127 -5.46 -8.71 -9.70
C ASP A 127 -4.84 -8.16 -8.43
N GLN A 128 -3.53 -7.92 -8.46
CA GLN A 128 -2.80 -7.41 -7.31
C GLN A 128 -3.33 -6.05 -6.86
N LEU A 129 -3.56 -5.15 -7.82
CA LEU A 129 -4.09 -3.83 -7.47
C LEU A 129 -5.48 -3.94 -6.83
N VAL A 130 -6.35 -4.78 -7.38
CA VAL A 130 -7.67 -4.97 -6.79
C VAL A 130 -7.55 -5.48 -5.35
N GLY A 131 -6.63 -6.41 -5.12
CA GLY A 131 -6.43 -6.92 -3.78
C GLY A 131 -5.91 -5.86 -2.82
N GLU A 132 -4.95 -5.06 -3.27
CA GLU A 132 -4.45 -3.99 -2.43
C GLU A 132 -5.54 -2.97 -2.11
N LYS A 133 -6.34 -2.59 -3.11
CA LYS A 133 -7.43 -1.63 -2.85
C LYS A 133 -8.43 -2.23 -1.87
N THR A 134 -8.75 -3.51 -2.04
CA THR A 134 -9.74 -4.14 -1.17
C THR A 134 -9.25 -4.16 0.27
N ALA A 135 -7.99 -4.59 0.48
CA ALA A 135 -7.46 -4.63 1.85
C ALA A 135 -7.42 -3.24 2.47
N HIS A 136 -7.05 -2.22 1.69
CA HIS A 136 -6.96 -0.87 2.23
C HIS A 136 -8.33 -0.32 2.58
N ALA A 137 -9.31 -0.47 1.69
CA ALA A 137 -10.66 0.01 2.01
C ALA A 137 -11.17 -0.63 3.30
N ILE A 138 -11.00 -1.94 3.43
CA ILE A 138 -11.48 -2.63 4.64
C ILE A 138 -10.77 -2.09 5.86
N SER A 139 -9.45 -1.86 5.76
CA SER A 139 -8.69 -1.30 6.88
C SER A 139 -9.17 0.10 7.27
N ALA A 140 -9.69 0.86 6.31
CA ALA A 140 -10.20 2.21 6.51
C ALA A 140 -11.65 2.23 6.99
N GLY A 141 -12.28 1.08 7.16
CA GLY A 141 -13.65 1.06 7.63
C GLY A 141 -14.68 1.22 6.53
N VAL A 142 -14.30 1.00 5.27
CA VAL A 142 -15.22 1.06 4.15
C VAL A 142 -15.56 -0.36 3.77
N ASN A 143 -16.84 -0.66 3.58
CA ASN A 143 -17.26 -1.98 3.12
C ASN A 143 -17.00 -2.14 1.63
N VAL A 144 -16.76 -3.38 1.18
CA VAL A 144 -16.32 -3.62 -0.20
C VAL A 144 -17.20 -4.68 -0.87
N ILE A 145 -17.72 -4.35 -2.06
CA ILE A 145 -18.20 -5.37 -3.00
C ILE A 145 -17.02 -5.69 -3.92
N ALA A 146 -16.45 -6.88 -3.79
CA ALA A 146 -15.29 -7.30 -4.56
C ALA A 146 -15.73 -8.16 -5.72
N CYS A 147 -15.40 -7.74 -6.94
CA CYS A 147 -15.92 -8.37 -8.14
C CYS A 147 -14.90 -9.32 -8.76
N ILE A 148 -15.39 -10.47 -9.24
CA ILE A 148 -14.59 -11.47 -9.93
C ILE A 148 -15.40 -11.95 -11.12
N GLY A 149 -14.73 -12.63 -12.05
CA GLY A 149 -15.46 -13.22 -13.16
C GLY A 149 -14.57 -13.46 -14.35
N GLU A 150 -14.99 -14.39 -15.21
CA GLU A 150 -14.19 -14.86 -16.34
C GLU A 150 -14.79 -14.39 -17.68
N LYS A 151 -13.91 -14.23 -18.67
CA LYS A 151 -14.30 -13.85 -20.02
C LYS A 151 -14.72 -15.06 -20.85
N LEU A 152 -15.28 -14.78 -22.03
CA LEU A 152 -15.84 -15.87 -22.84
C LEU A 152 -14.76 -16.89 -23.20
N GLU A 153 -13.61 -16.42 -23.69
CA GLU A 153 -12.58 -17.39 -24.06
C GLU A 153 -12.11 -18.20 -22.87
N GLU A 154 -12.11 -17.61 -21.68
CA GLU A 154 -11.73 -18.35 -20.48
C GLU A 154 -12.77 -19.40 -20.12
N ARG A 155 -14.06 -19.05 -20.17
CA ARG A 155 -15.09 -20.05 -19.90
C ARG A 155 -15.03 -21.19 -20.90
N GLU A 156 -14.87 -20.86 -22.19
CA GLU A 156 -14.87 -21.93 -23.21
C GLU A 156 -13.65 -22.82 -23.07
N ALA A 157 -12.57 -22.28 -22.50
CA ALA A 157 -11.34 -23.03 -22.24
C ALA A 157 -11.41 -23.83 -20.95
N GLY A 158 -12.54 -23.83 -20.26
CA GLY A 158 -12.66 -24.57 -19.02
C GLY A 158 -11.96 -23.93 -17.83
N LYS A 159 -11.74 -22.60 -17.88
CA LYS A 159 -10.94 -21.90 -16.90
C LYS A 159 -11.75 -21.00 -15.98
N THR A 160 -13.07 -21.20 -15.89
CA THR A 160 -13.89 -20.39 -14.99
C THR A 160 -13.36 -20.44 -13.56
N GLU A 161 -13.16 -21.65 -13.01
CA GLU A 161 -12.67 -21.75 -11.65
C GLU A 161 -11.25 -21.20 -11.54
N GLU A 162 -10.37 -21.56 -12.49
CA GLU A 162 -9.00 -21.09 -12.41
C GLU A 162 -8.93 -19.57 -12.33
N VAL A 163 -9.75 -18.90 -13.14
CA VAL A 163 -9.73 -17.44 -13.17
C VAL A 163 -10.34 -16.87 -11.89
N CYS A 164 -11.53 -17.35 -11.52
CA CYS A 164 -12.18 -16.87 -10.30
C CYS A 164 -11.31 -17.10 -9.08
N PHE A 165 -10.66 -18.26 -9.01
CA PHE A 165 -9.86 -18.56 -7.82
C PHE A 165 -8.57 -17.73 -7.80
N ARG A 166 -7.99 -17.44 -8.97
CA ARG A 166 -6.82 -16.58 -9.00
C ARG A 166 -7.21 -15.18 -8.54
N GLN A 167 -8.36 -14.69 -8.99
CA GLN A 167 -8.82 -13.38 -8.54
C GLN A 167 -9.14 -13.37 -7.06
N MET A 168 -9.77 -14.44 -6.53
CA MET A 168 -10.04 -14.46 -5.08
C MET A 168 -8.76 -14.55 -4.28
N GLU A 169 -7.75 -15.28 -4.77
CA GLU A 169 -6.50 -15.36 -4.02
C GLU A 169 -5.88 -13.99 -3.83
N ALA A 170 -5.93 -13.13 -4.84
CA ALA A 170 -5.35 -11.79 -4.69
C ALA A 170 -6.17 -10.93 -3.72
N ILE A 171 -7.48 -11.14 -3.67
CA ILE A 171 -8.31 -10.44 -2.70
C ILE A 171 -8.08 -11.01 -1.31
N ARG A 172 -7.97 -12.31 -1.18
CA ARG A 172 -7.83 -12.95 0.12
C ARG A 172 -6.50 -12.79 0.78
N LYS A 173 -5.49 -12.60 -0.02
CA LYS A 173 -4.12 -12.74 0.44
C LYS A 173 -3.88 -11.94 1.71
N ASN A 174 -4.27 -10.67 1.72
CA ASN A 174 -3.95 -9.80 2.86
C ASN A 174 -5.18 -9.35 3.63
N LEU A 175 -6.30 -10.04 3.43
CA LEU A 175 -7.50 -9.79 4.22
C LEU A 175 -7.52 -10.67 5.45
N SER A 176 -7.83 -10.08 6.60
CA SER A 176 -7.99 -10.88 7.82
C SER A 176 -9.41 -10.92 8.35
N MET A 177 -10.32 -10.15 7.77
CA MET A 177 -11.66 -10.07 8.31
C MET A 177 -12.60 -9.93 7.12
N TRP A 178 -13.73 -10.62 7.20
CA TRP A 178 -14.60 -10.78 6.05
C TRP A 178 -16.00 -10.24 6.29
N ASN A 179 -16.27 -9.71 7.49
CA ASN A 179 -17.59 -9.21 7.83
C ASN A 179 -18.01 -8.00 7.02
N HIS A 180 -17.08 -7.29 6.38
CA HIS A 180 -17.38 -6.10 5.61
C HIS A 180 -17.13 -6.30 4.11
N ILE A 181 -17.17 -7.54 3.65
CA ILE A 181 -16.94 -7.88 2.24
C ILE A 181 -18.19 -8.53 1.69
N VAL A 182 -18.53 -8.19 0.46
CA VAL A 182 -19.49 -8.94 -0.34
C VAL A 182 -18.77 -9.35 -1.62
N ILE A 183 -18.93 -10.61 -2.05
CA ILE A 183 -18.30 -11.05 -3.30
C ILE A 183 -19.36 -10.98 -4.40
N ALA A 184 -18.99 -10.41 -5.55
CA ALA A 184 -19.89 -10.37 -6.71
C ALA A 184 -19.28 -11.15 -7.86
N TYR A 185 -19.99 -12.16 -8.34
CA TYR A 185 -19.54 -12.92 -9.51
C TYR A 185 -20.19 -12.31 -10.74
N GLU A 186 -19.36 -11.83 -11.67
CA GLU A 186 -19.78 -11.29 -12.95
C GLU A 186 -19.42 -12.24 -14.08
N PRO A 187 -20.33 -12.89 -14.69
CA PRO A 187 -20.00 -13.66 -15.88
C PRO A 187 -19.74 -12.76 -17.07
N VAL A 188 -18.52 -12.22 -17.16
CA VAL A 188 -18.16 -11.32 -18.24
C VAL A 188 -18.44 -12.01 -19.58
N TRP A 189 -18.31 -13.34 -19.60
CA TRP A 189 -18.55 -14.14 -20.80
C TRP A 189 -19.96 -13.99 -21.34
N ALA A 190 -20.93 -13.64 -20.50
CA ALA A 190 -22.30 -13.47 -20.99
C ALA A 190 -22.60 -11.99 -21.25
N LYS A 195 -24.04 -13.88 -25.04
CA LYS A 195 -24.52 -15.15 -24.50
C LYS A 195 -25.45 -14.86 -23.30
N THR A 196 -26.14 -15.90 -22.83
CA THR A 196 -27.03 -15.81 -21.68
C THR A 196 -26.61 -16.80 -20.61
N ALA A 197 -26.46 -16.33 -19.37
CA ALA A 197 -26.15 -17.21 -18.26
C ALA A 197 -27.43 -17.76 -17.64
N THR A 198 -27.47 -19.06 -17.42
CA THR A 198 -28.62 -19.67 -16.77
C THR A 198 -28.47 -19.62 -15.24
N GLU A 199 -29.59 -19.86 -14.56
CA GLU A 199 -29.53 -19.92 -13.10
C GLU A 199 -28.68 -21.10 -12.64
N GLN A 200 -28.66 -22.19 -13.41
CA GLN A 200 -27.79 -23.31 -13.08
C GLN A 200 -26.32 -22.94 -13.21
N GLN A 201 -25.96 -22.16 -14.23
CA GLN A 201 -24.57 -21.76 -14.38
C GLN A 201 -24.12 -20.81 -13.28
N ALA A 202 -24.98 -19.87 -12.88
CA ALA A 202 -24.63 -18.98 -11.79
C ALA A 202 -24.47 -19.76 -10.49
N GLN A 203 -25.44 -20.62 -10.18
CA GLN A 203 -25.36 -21.46 -8.99
C GLN A 203 -24.08 -22.26 -8.95
N GLU A 204 -23.68 -22.80 -10.10
CA GLU A 204 -22.49 -23.64 -10.14
C GLU A 204 -21.25 -22.85 -9.74
N VAL A 205 -21.12 -21.62 -10.23
CA VAL A 205 -19.95 -20.83 -9.85
C VAL A 205 -20.04 -20.36 -8.40
N HIS A 206 -21.21 -19.87 -7.99
CA HIS A 206 -21.34 -19.41 -6.60
C HIS A 206 -21.00 -20.53 -5.62
N LEU A 207 -21.48 -21.74 -5.90
CA LEU A 207 -21.15 -22.88 -5.04
C LEU A 207 -19.65 -23.13 -5.02
N ALA A 208 -19.01 -23.07 -6.19
CA ALA A 208 -17.56 -23.31 -6.23
C ALA A 208 -16.79 -22.25 -5.44
N VAL A 209 -17.22 -21.00 -5.52
CA VAL A 209 -16.54 -19.94 -4.76
C VAL A 209 -16.77 -20.13 -3.28
N ARG A 210 -17.99 -20.53 -2.88
CA ARG A 210 -18.26 -20.76 -1.47
C ARG A 210 -17.43 -21.92 -0.94
N ARG A 211 -17.31 -23.00 -1.72
CA ARG A 211 -16.48 -24.12 -1.27
C ARG A 211 -15.00 -23.75 -1.22
N TRP A 212 -14.55 -22.86 -2.11
CA TRP A 212 -13.19 -22.32 -2.01
C TRP A 212 -13.00 -21.55 -0.71
N MET A 213 -13.99 -20.72 -0.35
CA MET A 213 -13.93 -20.01 0.94
C MET A 213 -13.85 -20.98 2.12
N GLU A 214 -14.57 -22.10 2.06
CA GLU A 214 -14.52 -23.07 3.16
C GLU A 214 -13.11 -23.58 3.39
N GLU A 215 -12.37 -23.85 2.32
CA GLU A 215 -11.04 -24.46 2.43
C GLU A 215 -9.91 -23.45 2.56
N LYS A 216 -10.10 -22.24 2.05
CA LYS A 216 -9.04 -21.25 2.06
C LYS A 216 -9.19 -20.20 3.15
N VAL A 217 -10.37 -20.04 3.72
CA VAL A 217 -10.59 -19.06 4.77
C VAL A 217 -11.13 -19.76 6.01
N SER A 218 -12.41 -20.17 5.98
CA SER A 218 -12.98 -21.00 7.04
C SER A 218 -14.42 -21.34 6.68
N PRO A 219 -14.92 -22.47 7.16
CA PRO A 219 -16.35 -22.78 6.95
C PRO A 219 -17.28 -21.73 7.52
N ALA A 220 -16.91 -21.12 8.65
CA ALA A 220 -17.77 -20.09 9.25
C ALA A 220 -17.88 -18.87 8.36
N VAL A 221 -16.76 -18.42 7.78
CA VAL A 221 -16.84 -17.30 6.85
C VAL A 221 -17.62 -17.70 5.61
N ALA A 222 -17.37 -18.91 5.09
CA ALA A 222 -18.08 -19.33 3.89
C ALA A 222 -19.59 -19.34 4.08
N LYS A 223 -20.06 -19.79 5.25
CA LYS A 223 -21.50 -19.85 5.46
C LYS A 223 -22.13 -18.46 5.57
N SER A 224 -21.37 -17.46 5.99
CA SER A 224 -21.94 -16.15 6.26
C SER A 224 -21.71 -15.16 5.13
N ILE A 225 -20.71 -15.38 4.29
CA ILE A 225 -20.38 -14.35 3.29
C ILE A 225 -21.43 -14.33 2.18
N ARG A 226 -21.84 -13.11 1.78
CA ARG A 226 -22.75 -12.96 0.63
C ARG A 226 -21.99 -13.05 -0.68
N ILE A 227 -22.48 -13.91 -1.57
CA ILE A 227 -21.96 -13.99 -2.94
C ILE A 227 -23.11 -13.60 -3.85
N ILE A 228 -23.00 -12.44 -4.49
CA ILE A 228 -24.09 -11.89 -5.29
C ILE A 228 -23.73 -12.04 -6.76
N TYR A 229 -24.77 -12.11 -7.58
CA TYR A 229 -24.63 -12.37 -9.01
C TYR A 229 -24.70 -11.06 -9.79
N GLY A 230 -23.72 -10.85 -10.66
CA GLY A 230 -23.57 -9.59 -11.35
C GLY A 230 -23.57 -9.70 -12.86
N GLY A 231 -24.13 -10.79 -13.37
CA GLY A 231 -24.44 -10.88 -14.77
C GLY A 231 -25.66 -10.05 -15.09
N SER A 232 -26.20 -10.28 -16.28
CA SER A 232 -27.37 -9.50 -16.71
C SER A 232 -28.56 -9.89 -15.84
N VAL A 233 -29.02 -8.96 -15.02
CA VAL A 233 -30.12 -9.21 -14.09
C VAL A 233 -31.26 -8.30 -14.47
N THR A 234 -32.44 -8.88 -14.68
CA THR A 234 -33.61 -8.14 -15.07
C THR A 234 -34.78 -8.47 -14.14
N ALA A 235 -35.88 -7.71 -14.27
CA ALA A 235 -37.07 -8.07 -13.53
C ALA A 235 -37.58 -9.45 -13.92
N ALA A 236 -37.28 -9.88 -15.15
CA ALA A 236 -37.78 -11.15 -15.65
C ALA A 236 -37.05 -12.35 -15.07
N ASN A 237 -35.76 -12.21 -14.73
CA ASN A 237 -34.99 -13.38 -14.28
C ASN A 237 -34.56 -13.31 -12.82
N CYS A 238 -34.85 -12.23 -12.10
CA CYS A 238 -34.24 -12.08 -10.78
C CYS A 238 -34.79 -13.12 -9.81
N ARG A 239 -36.08 -13.46 -9.90
CA ARG A 239 -36.63 -14.39 -8.92
C ARG A 239 -36.08 -15.79 -9.13
N THR A 240 -35.86 -16.21 -10.38
CA THR A 240 -35.27 -17.53 -10.61
C THR A 240 -33.82 -17.58 -10.14
N LEU A 241 -33.09 -16.50 -10.34
CA LEU A 241 -31.72 -16.45 -9.83
C LEU A 241 -31.70 -16.44 -8.30
N ALA A 242 -32.61 -15.69 -7.68
CA ALA A 242 -32.60 -15.53 -6.24
C ALA A 242 -32.88 -16.84 -5.49
N LYS A 243 -33.64 -17.77 -6.10
CA LYS A 243 -33.94 -19.01 -5.39
C LYS A 243 -32.73 -19.91 -5.26
N GLN A 244 -31.66 -19.64 -5.99
CA GLN A 244 -30.54 -20.56 -5.96
C GLN A 244 -29.88 -20.51 -4.59
N PRO A 245 -29.51 -21.67 -4.03
CA PRO A 245 -29.08 -21.68 -2.62
C PRO A 245 -27.83 -20.89 -2.35
N ASP A 246 -26.95 -20.67 -3.33
CA ASP A 246 -25.70 -19.95 -3.07
C ASP A 246 -25.66 -18.58 -3.73
N VAL A 247 -26.77 -18.12 -4.29
CA VAL A 247 -26.93 -16.76 -4.80
C VAL A 247 -27.57 -15.92 -3.72
N ASP A 248 -26.86 -14.90 -3.23
CA ASP A 248 -27.34 -14.11 -2.10
C ASP A 248 -27.82 -12.72 -2.48
N GLY A 249 -27.98 -12.46 -3.77
CA GLY A 249 -28.38 -11.14 -4.21
C GLY A 249 -27.75 -10.80 -5.54
N PHE A 250 -27.68 -9.50 -5.84
CA PHE A 250 -27.36 -9.06 -7.18
C PHE A 250 -26.53 -7.80 -7.14
N LEU A 251 -25.65 -7.68 -8.11
CA LEU A 251 -25.05 -6.40 -8.50
C LEU A 251 -25.62 -6.06 -9.88
N VAL A 252 -26.55 -5.10 -9.92
CA VAL A 252 -27.36 -4.80 -11.10
C VAL A 252 -26.70 -3.71 -11.93
N GLY A 253 -26.72 -3.88 -13.26
CA GLY A 253 -26.17 -2.87 -14.14
C GLY A 253 -27.25 -1.93 -14.66
N GLY A 254 -27.57 -2.04 -15.95
CA GLY A 254 -28.49 -1.09 -16.57
C GLY A 254 -29.87 -1.03 -15.95
N ALA A 255 -30.36 -2.15 -15.39
CA ALA A 255 -31.68 -2.08 -14.77
C ALA A 255 -31.70 -1.24 -13.49
N SER A 256 -30.53 -0.91 -12.92
CA SER A 256 -30.51 -0.06 -11.73
C SER A 256 -30.99 1.36 -12.04
N LEU A 257 -31.02 1.74 -13.33
CA LEU A 257 -31.48 3.06 -13.74
C LEU A 257 -32.97 3.11 -14.07
N LYS A 258 -33.71 2.02 -13.84
CA LYS A 258 -35.08 1.88 -14.28
C LYS A 258 -35.94 1.42 -13.12
N PRO A 259 -37.27 1.59 -13.22
CA PRO A 259 -38.15 1.08 -12.16
C PRO A 259 -38.02 -0.41 -11.94
N ASP A 260 -37.49 -1.13 -12.93
CA ASP A 260 -37.19 -2.55 -12.77
C ASP A 260 -36.32 -2.84 -11.56
N PHE A 261 -35.53 -1.85 -11.12
CA PHE A 261 -34.63 -2.06 -9.98
C PHE A 261 -35.41 -2.48 -8.73
N ILE A 262 -36.58 -1.90 -8.50
CA ILE A 262 -37.35 -2.22 -7.31
C ILE A 262 -37.79 -3.67 -7.34
N GLU A 263 -38.23 -4.17 -8.50
CA GLU A 263 -38.64 -5.57 -8.55
C GLU A 263 -37.46 -6.49 -8.25
N ILE A 264 -36.27 -6.11 -8.70
CA ILE A 264 -35.07 -6.89 -8.42
C ILE A 264 -34.73 -6.85 -6.93
N CYS A 265 -34.84 -5.66 -6.31
CA CYS A 265 -34.65 -5.56 -4.85
C CYS A 265 -35.60 -6.48 -4.09
N ASN A 266 -36.79 -6.74 -4.63
CA ASN A 266 -37.80 -7.57 -3.99
C ASN A 266 -37.77 -9.01 -4.49
N ALA A 267 -36.67 -9.44 -5.12
CA ALA A 267 -36.64 -10.75 -5.76
C ALA A 267 -36.69 -11.90 -4.76
N ASN A 268 -36.24 -11.68 -3.52
CA ASN A 268 -36.15 -12.73 -2.51
C ASN A 268 -37.44 -12.85 -1.69
N ALA A 269 -38.41 -11.96 -1.90
CA ALA A 269 -39.65 -11.98 -1.16
C ALA A 269 -40.83 -12.27 -2.09
N ARG B 25 0.00 36.32 -24.48
CA ARG B 25 -0.59 35.15 -23.83
C ARG B 25 -0.80 35.43 -22.34
N LYS B 26 -1.99 35.10 -21.83
CA LYS B 26 -2.27 35.34 -20.41
C LYS B 26 -1.63 34.26 -19.55
N PHE B 27 -0.89 34.70 -18.52
CA PHE B 27 -0.25 33.79 -17.58
C PHE B 27 -1.28 32.92 -16.89
N PHE B 28 -0.95 31.64 -16.75
CA PHE B 28 -1.94 30.61 -16.38
C PHE B 28 -1.33 29.74 -15.29
N VAL B 29 -1.97 29.68 -14.12
CA VAL B 29 -1.45 28.84 -13.06
C VAL B 29 -2.56 27.93 -12.58
N GLY B 30 -2.36 26.62 -12.72
CA GLY B 30 -3.33 25.63 -12.28
C GLY B 30 -2.74 24.82 -11.12
N GLY B 31 -3.56 24.64 -10.08
CA GLY B 31 -3.14 23.84 -8.94
C GLY B 31 -3.78 22.46 -8.96
N ASN B 32 -2.97 21.42 -9.20
CA ASN B 32 -3.44 20.04 -9.23
C ASN B 32 -3.33 19.49 -7.81
N TRP B 33 -4.47 19.36 -7.12
CA TRP B 33 -4.42 18.84 -5.75
C TRP B 33 -4.08 17.35 -5.69
N LYS B 34 -4.16 16.63 -6.80
CA LYS B 34 -3.96 15.18 -6.88
C LYS B 34 -4.89 14.50 -5.86
N MET B 35 -4.46 13.38 -5.28
CA MET B 35 -5.33 12.64 -4.36
C MET B 35 -5.13 13.19 -2.94
N ASN B 36 -5.59 14.43 -2.77
CA ASN B 36 -5.50 15.13 -1.50
C ASN B 36 -6.74 15.99 -1.37
N GLY B 37 -7.42 15.90 -0.23
CA GLY B 37 -8.60 16.72 -0.02
C GLY B 37 -9.50 16.18 1.06
N SER B 38 -10.23 17.07 1.69
CA SER B 38 -11.21 16.74 2.72
C SER B 38 -12.03 17.99 2.92
N LYS B 39 -13.25 17.85 3.44
CA LYS B 39 -14.08 19.03 3.64
C LYS B 39 -13.32 20.09 4.45
N LYS B 40 -12.60 19.64 5.48
CA LYS B 40 -11.88 20.55 6.37
C LYS B 40 -10.71 21.22 5.66
N GLU B 41 -9.88 20.44 4.97
CA GLU B 41 -8.71 21.04 4.35
C GLU B 41 -9.08 21.85 3.11
N ASN B 42 -10.12 21.42 2.39
CA ASN B 42 -10.57 22.18 1.22
C ASN B 42 -11.04 23.57 1.64
N ASP B 43 -11.79 23.65 2.74
CA ASP B 43 -12.29 24.93 3.24
C ASP B 43 -11.15 25.87 3.59
N LYS B 44 -10.07 25.33 4.17
CA LYS B 44 -8.92 26.15 4.52
C LYS B 44 -8.23 26.67 3.27
N LEU B 45 -8.11 25.82 2.24
CA LEU B 45 -7.53 26.25 0.97
C LEU B 45 -8.39 27.30 0.29
N ILE B 46 -9.71 27.11 0.31
CA ILE B 46 -10.61 28.04 -0.36
C ILE B 46 -10.52 29.40 0.32
N GLU B 47 -10.46 29.41 1.65
CA GLU B 47 -10.33 30.68 2.35
C GLU B 47 -9.01 31.37 2.02
N MET B 48 -7.94 30.59 1.88
CA MET B 48 -6.65 31.16 1.51
C MET B 48 -6.72 31.81 0.13
N LEU B 49 -7.31 31.12 -0.83
CA LEU B 49 -7.45 31.64 -2.20
C LEU B 49 -8.35 32.87 -2.24
N THR B 50 -9.45 32.82 -1.49
CA THR B 50 -10.44 33.90 -1.52
C THR B 50 -9.86 35.21 -1.00
N HIS B 51 -9.04 35.12 0.04
CA HIS B 51 -8.49 36.30 0.70
C HIS B 51 -7.12 36.74 0.18
N ALA B 52 -6.48 35.94 -0.67
CA ALA B 52 -5.12 36.26 -1.12
C ALA B 52 -5.12 37.43 -2.10
N LYS B 53 -4.00 38.14 -2.13
CA LYS B 53 -3.77 39.18 -3.13
C LYS B 53 -3.10 38.49 -4.32
N ILE B 54 -3.83 38.35 -5.42
CA ILE B 54 -3.36 37.62 -6.59
C ILE B 54 -3.34 38.59 -7.76
N ASP B 55 -2.27 38.52 -8.56
CA ASP B 55 -2.14 39.27 -9.79
C ASP B 55 -3.45 39.16 -10.57
N PRO B 56 -4.13 40.27 -10.86
CA PRO B 56 -5.38 40.19 -11.62
C PRO B 56 -5.19 39.72 -13.06
N ASN B 57 -3.96 39.75 -13.60
CA ASN B 57 -3.67 39.26 -14.93
C ASN B 57 -3.34 37.77 -14.98
N THR B 58 -3.41 37.05 -13.85
CA THR B 58 -3.12 35.62 -13.84
C THR B 58 -4.44 34.86 -13.91
N GLU B 59 -4.53 33.92 -14.85
CA GLU B 59 -5.64 32.98 -14.88
C GLU B 59 -5.34 31.88 -13.88
N VAL B 60 -6.25 31.62 -12.93
CA VAL B 60 -5.98 30.70 -11.83
C VAL B 60 -7.00 29.57 -11.86
N LEU B 61 -6.52 28.34 -11.70
CA LEU B 61 -7.36 27.14 -11.73
C LEU B 61 -6.97 26.26 -10.55
N VAL B 62 -7.96 25.55 -9.97
CA VAL B 62 -7.67 24.51 -8.99
C VAL B 62 -8.36 23.23 -9.46
N ALA B 63 -7.77 22.08 -9.09
CA ALA B 63 -8.30 20.79 -9.52
C ALA B 63 -8.41 19.88 -8.30
N PRO B 64 -9.58 19.83 -7.67
CA PRO B 64 -9.78 18.95 -6.50
C PRO B 64 -10.12 17.53 -6.92
N PRO B 65 -10.07 16.57 -5.99
CA PRO B 65 -10.61 15.23 -6.27
C PRO B 65 -12.08 15.30 -6.65
N ALA B 66 -12.54 14.30 -7.41
CA ALA B 66 -13.86 14.41 -8.07
C ALA B 66 -15.01 14.54 -7.08
N LEU B 67 -14.90 13.85 -5.92
CA LEU B 67 -15.90 13.90 -4.86
C LEU B 67 -16.20 15.33 -4.40
N TYR B 68 -15.22 16.22 -4.53
CA TYR B 68 -15.30 17.57 -4.00
C TYR B 68 -15.53 18.63 -5.08
N LEU B 69 -15.57 18.24 -6.35
CA LEU B 69 -15.74 19.22 -7.42
C LEU B 69 -16.98 20.09 -7.24
N PRO B 70 -18.18 19.54 -7.01
CA PRO B 70 -19.34 20.41 -6.92
C PRO B 70 -19.25 21.37 -5.74
N SER B 71 -18.78 20.91 -4.58
CA SER B 71 -18.73 21.79 -3.41
C SER B 71 -17.65 22.87 -3.57
N VAL B 72 -16.48 22.49 -4.08
CA VAL B 72 -15.44 23.51 -4.29
C VAL B 72 -15.92 24.54 -5.31
N ARG B 73 -16.63 24.09 -6.35
CA ARG B 73 -17.12 25.05 -7.34
C ARG B 73 -18.16 26.00 -6.74
N GLU B 74 -19.02 25.51 -5.82
CA GLU B 74 -19.99 26.41 -5.15
C GLU B 74 -19.30 27.46 -4.30
N LYS B 75 -18.20 27.09 -3.62
CA LYS B 75 -17.62 27.95 -2.59
C LYS B 75 -16.63 28.96 -3.15
N LEU B 76 -16.08 28.70 -4.32
CA LEU B 76 -15.04 29.54 -4.88
C LEU B 76 -15.61 30.47 -5.96
N ASP B 77 -15.23 31.75 -5.92
CA ASP B 77 -15.68 32.73 -6.93
C ASP B 77 -15.33 32.30 -8.36
N LYS B 78 -16.13 32.76 -9.34
CA LYS B 78 -15.83 32.40 -10.73
C LYS B 78 -14.50 32.95 -11.24
N ARG B 79 -13.86 33.88 -10.52
CA ARG B 79 -12.50 34.26 -10.86
C ARG B 79 -11.58 33.04 -10.90
N PHE B 80 -11.91 32.01 -10.15
CA PHE B 80 -11.13 30.78 -10.12
C PHE B 80 -11.78 29.71 -10.99
N HIS B 81 -10.98 29.06 -11.84
CA HIS B 81 -11.48 27.88 -12.52
C HIS B 81 -11.40 26.66 -11.61
N VAL B 82 -12.34 25.73 -11.78
CA VAL B 82 -12.30 24.47 -11.05
C VAL B 82 -12.27 23.34 -12.06
N ALA B 83 -11.27 22.47 -11.98
CA ALA B 83 -11.07 21.43 -12.97
C ALA B 83 -11.17 20.04 -12.35
N ALA B 84 -11.70 19.10 -13.13
CA ALA B 84 -11.52 17.69 -12.79
C ALA B 84 -10.10 17.23 -13.12
N GLN B 85 -9.67 16.17 -12.43
CA GLN B 85 -8.34 15.61 -12.68
C GLN B 85 -8.35 14.51 -13.74
N ASN B 86 -9.51 14.18 -14.29
CA ASN B 86 -9.63 13.14 -15.32
C ASN B 86 -11.11 13.07 -15.74
N CYS B 87 -11.35 12.56 -16.94
CA CYS B 87 -12.70 12.25 -17.39
C CYS B 87 -12.58 11.21 -18.49
N TYR B 88 -13.73 10.73 -18.99
CA TYR B 88 -13.74 9.69 -20.03
C TYR B 88 -14.13 10.29 -21.38
N LYS B 89 -14.36 9.42 -22.37
CA LYS B 89 -14.41 9.84 -23.77
C LYS B 89 -15.78 9.71 -24.43
N VAL B 90 -16.85 9.43 -23.68
CA VAL B 90 -18.22 9.47 -24.18
C VAL B 90 -19.09 10.08 -23.08
N PRO B 91 -20.32 10.50 -23.39
CA PRO B 91 -21.13 11.19 -22.36
C PRO B 91 -21.66 10.26 -21.28
N SER B 92 -21.92 9.00 -21.62
CA SER B 92 -22.46 8.07 -20.64
C SER B 92 -22.17 6.66 -21.13
N GLY B 93 -22.30 5.68 -20.25
CA GLY B 93 -22.21 4.30 -20.67
C GLY B 93 -21.67 3.40 -19.59
N ALA B 94 -21.35 2.17 -19.99
CA ALA B 94 -20.98 1.09 -19.06
C ALA B 94 -19.49 1.15 -18.78
N PHE B 95 -19.10 2.18 -18.01
CA PHE B 95 -17.71 2.44 -17.66
C PHE B 95 -17.65 2.71 -16.17
N THR B 96 -17.73 1.63 -15.39
CA THR B 96 -17.77 1.72 -13.94
C THR B 96 -16.54 2.50 -13.45
N GLY B 97 -16.79 3.52 -12.62
CA GLY B 97 -15.74 4.35 -12.04
C GLY B 97 -15.31 5.54 -12.87
N GLU B 98 -15.91 5.77 -14.03
CA GLU B 98 -15.52 6.87 -14.88
C GLU B 98 -16.57 7.97 -14.84
N VAL B 99 -16.14 9.21 -15.15
CA VAL B 99 -17.05 10.35 -15.23
C VAL B 99 -16.86 11.04 -16.57
N SER B 100 -17.92 11.64 -17.07
CA SER B 100 -17.84 12.22 -18.42
C SER B 100 -17.81 13.74 -18.37
N PRO B 101 -17.29 14.39 -19.43
CA PRO B 101 -17.40 15.85 -19.55
C PRO B 101 -18.82 16.40 -19.36
N ALA B 102 -19.85 15.68 -19.85
CA ALA B 102 -21.22 16.15 -19.63
C ALA B 102 -21.54 16.27 -18.14
N MET B 103 -21.06 15.31 -17.33
CA MET B 103 -21.24 15.40 -15.88
C MET B 103 -20.49 16.57 -15.28
N LEU B 104 -19.28 16.84 -15.78
CA LEU B 104 -18.51 17.99 -15.29
C LEU B 104 -19.30 19.28 -15.51
N LYS B 105 -19.85 19.45 -16.71
CA LYS B 105 -20.65 20.65 -16.98
C LYS B 105 -21.88 20.70 -16.11
N ASP B 106 -22.50 19.54 -15.84
CA ASP B 106 -23.70 19.45 -15.01
C ASP B 106 -23.44 19.98 -13.59
N VAL B 107 -22.22 19.82 -13.07
CA VAL B 107 -21.89 20.33 -11.72
C VAL B 107 -21.14 21.66 -11.79
N GLY B 108 -21.12 22.31 -12.94
CA GLY B 108 -20.62 23.68 -13.02
C GLY B 108 -19.14 23.81 -13.26
N CYS B 109 -18.45 22.73 -13.62
CA CYS B 109 -17.01 22.73 -13.84
C CYS B 109 -16.73 22.67 -15.34
N ASP B 110 -15.83 23.54 -15.80
CA ASP B 110 -15.60 23.73 -17.23
C ASP B 110 -14.17 23.38 -17.64
N TRP B 111 -13.42 22.67 -16.80
CA TRP B 111 -12.03 22.34 -17.08
C TRP B 111 -11.75 20.90 -16.69
N VAL B 112 -10.79 20.28 -17.36
CA VAL B 112 -10.31 18.94 -17.00
C VAL B 112 -8.82 18.83 -17.33
N ILE B 113 -8.08 18.12 -16.48
CA ILE B 113 -6.69 17.76 -16.75
C ILE B 113 -6.69 16.37 -17.36
N LEU B 114 -6.05 16.22 -18.52
CA LEU B 114 -6.02 14.94 -19.23
C LEU B 114 -4.58 14.58 -19.58
N GLY B 115 -4.25 13.28 -19.47
CA GLY B 115 -2.93 12.83 -19.84
C GLY B 115 -1.85 13.12 -18.82
N HIS B 116 -2.21 13.45 -17.58
CA HIS B 116 -1.19 13.65 -16.55
C HIS B 116 -0.29 12.44 -16.47
N SER B 117 1.00 12.69 -16.21
CA SER B 117 1.98 11.60 -16.21
C SER B 117 1.58 10.47 -15.28
N GLU B 118 0.93 10.77 -14.15
CA GLU B 118 0.52 9.71 -13.24
C GLU B 118 -0.53 8.81 -13.90
N ARG B 119 -1.40 9.39 -14.71
CA ARG B 119 -2.40 8.59 -15.40
C ARG B 119 -1.79 7.81 -16.56
N ARG B 120 -0.78 8.37 -17.25
CA ARG B 120 -0.14 7.63 -18.31
C ARG B 120 0.73 6.49 -17.77
N HIS B 121 1.51 6.74 -16.72
CA HIS B 121 2.58 5.82 -16.36
C HIS B 121 2.25 4.91 -15.18
N ILE B 122 1.34 5.34 -14.31
CA ILE B 122 0.85 4.47 -13.24
C ILE B 122 -0.47 3.82 -13.61
N LEU B 123 -1.42 4.58 -14.14
CA LEU B 123 -2.74 4.04 -14.47
C LEU B 123 -2.86 3.61 -15.93
N LEU B 124 -1.76 3.68 -16.69
CA LEU B 124 -1.60 2.97 -17.96
C LEU B 124 -2.45 3.54 -19.11
N GLU B 125 -2.77 4.83 -19.09
CA GLU B 125 -3.53 5.43 -20.19
C GLU B 125 -2.64 5.64 -21.42
N THR B 126 -3.13 5.21 -22.59
CA THR B 126 -2.37 5.30 -23.83
C THR B 126 -2.47 6.69 -24.45
N ASP B 127 -1.55 6.98 -25.38
CA ASP B 127 -1.60 8.24 -26.12
C ASP B 127 -2.94 8.41 -26.81
N GLN B 128 -3.41 7.34 -27.46
CA GLN B 128 -4.66 7.37 -28.19
C GLN B 128 -5.83 7.66 -27.27
N LEU B 129 -5.87 7.00 -26.11
CA LEU B 129 -6.95 7.28 -25.15
C LEU B 129 -6.93 8.73 -24.70
N VAL B 130 -5.75 9.28 -24.38
CA VAL B 130 -5.69 10.69 -23.99
C VAL B 130 -6.21 11.59 -25.11
N GLY B 131 -5.84 11.29 -26.35
CA GLY B 131 -6.33 12.08 -27.47
C GLY B 131 -7.83 12.00 -27.65
N GLU B 132 -8.40 10.78 -27.50
CA GLU B 132 -9.84 10.61 -27.64
C GLU B 132 -10.58 11.35 -26.52
N LYS B 133 -10.07 11.27 -25.28
CA LYS B 133 -10.68 12.02 -24.19
C LYS B 133 -10.60 13.51 -24.42
N THR B 134 -9.47 14.00 -24.94
CA THR B 134 -9.31 15.43 -25.14
C THR B 134 -10.31 15.94 -26.16
N ALA B 135 -10.43 15.23 -27.29
CA ALA B 135 -11.36 15.63 -28.32
C ALA B 135 -12.81 15.61 -27.81
N HIS B 136 -13.17 14.58 -27.03
CA HIS B 136 -14.54 14.51 -26.52
C HIS B 136 -14.83 15.63 -25.52
N ALA B 137 -13.89 15.89 -24.61
CA ALA B 137 -14.09 16.98 -23.64
C ALA B 137 -14.31 18.30 -24.36
N ILE B 138 -13.49 18.59 -25.36
CA ILE B 138 -13.66 19.84 -26.13
C ILE B 138 -15.03 19.84 -26.81
N SER B 139 -15.42 18.70 -27.37
CA SER B 139 -16.72 18.61 -28.03
C SER B 139 -17.87 18.90 -27.06
N ALA B 140 -17.71 18.53 -25.80
CA ALA B 140 -18.74 18.74 -24.79
C ALA B 140 -18.74 20.16 -24.24
N GLY B 141 -17.75 20.97 -24.60
CA GLY B 141 -17.60 22.31 -24.08
C GLY B 141 -16.74 22.46 -22.84
N VAL B 142 -15.88 21.49 -22.54
CA VAL B 142 -14.96 21.54 -21.40
C VAL B 142 -13.57 21.92 -21.90
N ASN B 143 -12.91 22.89 -21.25
CA ASN B 143 -11.54 23.23 -21.58
C ASN B 143 -10.58 22.17 -21.04
N VAL B 144 -9.44 21.97 -21.71
CA VAL B 144 -8.56 20.84 -21.38
C VAL B 144 -7.15 21.35 -21.13
N ILE B 145 -6.55 20.93 -20.01
CA ILE B 145 -5.11 20.99 -19.84
C ILE B 145 -4.58 19.62 -20.27
N ALA B 146 -3.88 19.58 -21.40
CA ALA B 146 -3.40 18.34 -21.98
C ALA B 146 -1.93 18.19 -21.61
N CYS B 147 -1.59 17.09 -20.91
CA CYS B 147 -0.26 16.91 -20.37
C CYS B 147 0.58 15.97 -21.25
N ILE B 148 1.86 16.33 -21.44
CA ILE B 148 2.80 15.53 -22.22
C ILE B 148 4.14 15.52 -21.48
N GLY B 149 5.03 14.61 -21.87
CA GLY B 149 6.38 14.63 -21.31
C GLY B 149 7.05 13.28 -21.37
N GLU B 150 8.38 13.31 -21.32
CA GLU B 150 9.20 12.13 -21.55
C GLU B 150 9.88 11.67 -20.26
N LYS B 151 10.11 10.36 -20.17
CA LYS B 151 10.80 9.72 -19.05
C LYS B 151 12.32 9.76 -19.24
N LEU B 152 13.06 9.39 -18.18
CA LEU B 152 14.52 9.53 -18.21
C LEU B 152 15.13 8.68 -19.31
N GLU B 153 14.70 7.42 -19.41
CA GLU B 153 15.26 6.54 -20.44
C GLU B 153 15.00 7.07 -21.84
N GLU B 154 13.85 7.74 -22.04
CA GLU B 154 13.57 8.36 -23.34
C GLU B 154 14.46 9.59 -23.57
N ARG B 155 14.60 10.43 -22.55
CA ARG B 155 15.47 11.60 -22.71
C ARG B 155 16.91 11.17 -22.97
N GLU B 156 17.41 10.18 -22.22
CA GLU B 156 18.79 9.76 -22.42
C GLU B 156 19.01 9.11 -23.77
N ALA B 157 17.97 8.54 -24.38
CA ALA B 157 18.09 7.98 -25.72
C ALA B 157 17.94 9.03 -26.81
N GLY B 158 17.82 10.31 -26.44
CA GLY B 158 17.62 11.35 -27.43
C GLY B 158 16.21 11.46 -27.97
N LYS B 159 15.22 10.97 -27.23
CA LYS B 159 13.85 10.89 -27.75
C LYS B 159 12.92 11.92 -27.15
N THR B 160 13.44 13.00 -26.55
CA THR B 160 12.55 14.01 -25.96
C THR B 160 11.51 14.51 -26.97
N GLU B 161 11.96 14.96 -28.14
CA GLU B 161 11.02 15.49 -29.14
C GLU B 161 10.12 14.40 -29.69
N GLU B 162 10.72 13.24 -30.03
CA GLU B 162 9.92 12.15 -30.56
C GLU B 162 8.74 11.81 -29.65
N VAL B 163 8.99 11.75 -28.33
CA VAL B 163 7.94 11.37 -27.39
C VAL B 163 6.91 12.49 -27.24
N CYS B 164 7.37 13.72 -27.02
CA CYS B 164 6.45 14.84 -26.89
C CYS B 164 5.62 15.03 -28.15
N PHE B 165 6.24 14.86 -29.32
CA PHE B 165 5.51 15.07 -30.58
C PHE B 165 4.51 13.94 -30.82
N ARG B 166 4.87 12.71 -30.43
CA ARG B 166 3.93 11.60 -30.56
C ARG B 166 2.70 11.79 -29.67
N GLN B 167 2.91 12.24 -28.44
CA GLN B 167 1.77 12.50 -27.56
C GLN B 167 0.90 13.64 -28.11
N MET B 168 1.52 14.69 -28.65
CA MET B 168 0.73 15.77 -29.24
C MET B 168 0.02 15.33 -30.52
N GLU B 169 0.66 14.48 -31.34
CA GLU B 169 0.02 14.03 -32.56
C GLU B 169 -1.26 13.24 -32.26
N ALA B 170 -1.24 12.46 -31.17
CA ALA B 170 -2.43 11.71 -30.79
C ALA B 170 -3.58 12.64 -30.38
N ILE B 171 -3.25 13.81 -29.82
CA ILE B 171 -4.28 14.79 -29.52
C ILE B 171 -4.75 15.48 -30.80
N ARG B 172 -3.80 15.85 -31.66
CA ARG B 172 -4.17 16.57 -32.88
C ARG B 172 -4.98 15.69 -33.82
N LYS B 173 -4.77 14.37 -33.73
CA LYS B 173 -5.44 13.43 -34.63
C LYS B 173 -6.95 13.64 -34.60
N ASN B 174 -7.49 13.94 -33.41
CA ASN B 174 -8.92 14.02 -33.21
C ASN B 174 -9.43 15.45 -33.00
N LEU B 175 -8.54 16.44 -32.87
CA LEU B 175 -8.90 17.83 -32.61
C LEU B 175 -8.92 18.70 -33.87
N SER B 176 -9.99 19.47 -34.03
CA SER B 176 -10.08 20.46 -35.08
C SER B 176 -9.92 21.89 -34.58
N MET B 177 -9.93 22.12 -33.27
CA MET B 177 -9.82 23.48 -32.74
C MET B 177 -9.09 23.46 -31.41
N TRP B 178 -8.32 24.52 -31.19
CA TRP B 178 -7.35 24.57 -30.11
C TRP B 178 -7.58 25.72 -29.14
N ASN B 179 -8.61 26.53 -29.36
CA ASN B 179 -8.85 27.70 -28.52
C ASN B 179 -9.16 27.35 -27.07
N HIS B 180 -9.53 26.11 -26.77
CA HIS B 180 -9.89 25.72 -25.42
C HIS B 180 -8.90 24.70 -24.84
N ILE B 181 -7.64 24.74 -25.30
CA ILE B 181 -6.57 23.83 -24.88
C ILE B 181 -5.44 24.63 -24.25
N VAL B 182 -4.89 24.09 -23.17
CA VAL B 182 -3.63 24.52 -22.57
C VAL B 182 -2.74 23.27 -22.57
N ILE B 183 -1.48 23.40 -23.00
CA ILE B 183 -0.54 22.27 -22.98
C ILE B 183 0.32 22.38 -21.73
N ALA B 184 0.49 21.25 -21.00
CA ALA B 184 1.39 21.21 -19.84
C ALA B 184 2.53 20.24 -20.13
N TYR B 185 3.77 20.72 -20.05
CA TYR B 185 4.93 19.86 -20.23
C TYR B 185 5.39 19.36 -18.85
N GLU B 186 5.44 18.03 -18.69
CA GLU B 186 5.95 17.41 -17.46
C GLU B 186 7.28 16.76 -17.72
N PRO B 187 8.37 17.27 -17.15
CA PRO B 187 9.67 16.59 -17.29
C PRO B 187 9.70 15.36 -16.42
N VAL B 188 9.07 14.27 -16.88
CA VAL B 188 8.97 13.06 -16.06
C VAL B 188 10.34 12.53 -15.70
N TRP B 189 11.32 12.74 -16.60
CA TRP B 189 12.71 12.37 -16.39
C TRP B 189 13.31 13.03 -15.14
N ALA B 190 12.75 14.16 -14.72
CA ALA B 190 13.15 14.82 -13.49
C ALA B 190 12.19 14.54 -12.34
N ILE B 191 10.88 14.53 -12.60
CA ILE B 191 9.90 14.26 -11.55
C ILE B 191 10.16 12.89 -10.93
N GLY B 192 10.43 11.89 -11.77
CA GLY B 192 10.52 10.53 -11.28
C GLY B 192 11.86 10.13 -10.70
N THR B 193 12.88 10.92 -10.93
CA THR B 193 14.23 10.59 -10.55
C THR B 193 14.91 11.40 -9.47
N GLY B 194 14.37 12.55 -9.13
CA GLY B 194 15.01 13.38 -8.15
C GLY B 194 15.95 14.40 -8.77
N LYS B 195 16.16 14.31 -10.08
CA LYS B 195 16.91 15.28 -10.83
C LYS B 195 16.14 16.56 -10.91
N THR B 196 16.86 17.63 -11.17
CA THR B 196 16.22 18.93 -11.23
C THR B 196 16.42 19.48 -12.64
N ALA B 197 15.34 19.90 -13.26
CA ALA B 197 15.39 20.48 -14.60
C ALA B 197 15.73 21.96 -14.46
N THR B 198 16.64 22.45 -15.30
CA THR B 198 16.94 23.87 -15.23
C THR B 198 15.88 24.65 -16.02
N GLU B 199 15.82 25.97 -15.78
CA GLU B 199 14.90 26.77 -16.56
C GLU B 199 15.27 26.75 -18.04
N GLN B 200 16.57 26.61 -18.36
CA GLN B 200 16.99 26.52 -19.75
C GLN B 200 16.46 25.25 -20.39
N GLN B 201 16.45 24.14 -19.64
CA GLN B 201 15.94 22.90 -20.20
C GLN B 201 14.44 22.95 -20.43
N ALA B 202 13.70 23.60 -19.51
CA ALA B 202 12.26 23.75 -19.68
C ALA B 202 11.95 24.62 -20.89
N GLN B 203 12.62 25.76 -21.00
CA GLN B 203 12.44 26.66 -22.14
C GLN B 203 12.68 25.94 -23.46
N GLU B 204 13.73 25.11 -23.51
CA GLU B 204 14.06 24.40 -24.73
C GLU B 204 12.91 23.49 -25.17
N VAL B 205 12.29 22.77 -24.22
CA VAL B 205 11.17 21.90 -24.58
C VAL B 205 9.96 22.73 -24.96
N HIS B 206 9.65 23.77 -24.18
CA HIS B 206 8.50 24.61 -24.50
C HIS B 206 8.64 25.19 -25.90
N LEU B 207 9.85 25.65 -26.27
CA LEU B 207 10.06 26.17 -27.62
C LEU B 207 9.81 25.09 -28.67
N ALA B 208 10.32 23.87 -28.45
CA ALA B 208 10.11 22.81 -29.45
C ALA B 208 8.64 22.49 -29.62
N VAL B 209 7.90 22.46 -28.52
CA VAL B 209 6.47 22.17 -28.57
C VAL B 209 5.74 23.28 -29.31
N ARG B 210 6.11 24.55 -29.04
CA ARG B 210 5.46 25.66 -29.74
C ARG B 210 5.75 25.59 -31.24
N ARG B 211 6.98 25.26 -31.61
CA ARG B 211 7.32 25.13 -33.03
C ARG B 211 6.56 23.99 -33.68
N TRP B 212 6.30 22.91 -32.94
CA TRP B 212 5.46 21.84 -33.46
C TRP B 212 4.05 22.35 -33.72
N MET B 213 3.49 23.13 -32.80
CA MET B 213 2.16 23.70 -33.03
C MET B 213 2.17 24.60 -34.25
N GLU B 214 3.22 25.41 -34.41
CA GLU B 214 3.30 26.31 -35.55
C GLU B 214 3.31 25.52 -36.86
N GLU B 215 3.99 24.38 -36.84
CA GLU B 215 4.26 23.51 -37.99
C GLU B 215 3.12 22.58 -38.33
N LYS B 216 2.44 22.05 -37.31
CA LYS B 216 1.40 21.05 -37.51
C LYS B 216 0.01 21.63 -37.38
N VAL B 217 -0.15 22.79 -36.76
CA VAL B 217 -1.47 23.38 -36.61
C VAL B 217 -1.50 24.71 -37.35
N SER B 218 -0.93 25.76 -36.77
CA SER B 218 -0.85 27.03 -37.48
C SER B 218 -0.02 28.02 -36.70
N PRO B 219 0.59 29.00 -37.35
CA PRO B 219 1.32 30.04 -36.59
C PRO B 219 0.43 30.80 -35.63
N ALA B 220 -0.83 31.05 -35.98
CA ALA B 220 -1.72 31.79 -35.10
C ALA B 220 -2.04 31.00 -33.83
N VAL B 221 -2.27 29.69 -33.96
CA VAL B 221 -2.51 28.89 -32.77
C VAL B 221 -1.25 28.80 -31.93
N ALA B 222 -0.10 28.61 -32.57
CA ALA B 222 1.14 28.49 -31.81
C ALA B 222 1.39 29.76 -31.01
N LYS B 223 1.04 30.90 -31.59
CA LYS B 223 1.26 32.20 -31.00
C LYS B 223 0.36 32.43 -29.78
N SER B 224 -0.82 31.80 -29.76
CA SER B 224 -1.89 32.01 -28.78
C SER B 224 -1.87 31.00 -27.65
N ILE B 225 -1.45 29.78 -27.95
CA ILE B 225 -1.66 28.68 -27.01
C ILE B 225 -0.71 28.80 -25.81
N ARG B 226 -1.26 28.59 -24.61
CA ARG B 226 -0.43 28.58 -23.41
C ARG B 226 0.24 27.22 -23.26
N ILE B 227 1.54 27.24 -23.03
CA ILE B 227 2.31 26.04 -22.72
C ILE B 227 2.86 26.23 -21.31
N ILE B 228 2.34 25.45 -20.35
CA ILE B 228 2.66 25.64 -18.94
C ILE B 228 3.58 24.52 -18.48
N TYR B 229 4.38 24.83 -17.47
CA TYR B 229 5.43 23.94 -16.99
C TYR B 229 4.93 23.13 -15.81
N GLY B 230 5.11 21.82 -15.87
CA GLY B 230 4.58 20.93 -14.86
C GLY B 230 5.61 20.11 -14.13
N GLY B 231 6.87 20.55 -14.15
CA GLY B 231 7.87 20.02 -13.26
C GLY B 231 7.67 20.64 -11.88
N SER B 232 8.62 20.37 -10.99
CA SER B 232 8.45 20.84 -9.62
C SER B 232 8.56 22.36 -9.56
N VAL B 233 7.51 23.02 -9.08
CA VAL B 233 7.49 24.48 -8.95
C VAL B 233 7.16 24.84 -7.51
N THR B 234 8.02 25.63 -6.88
CA THR B 234 7.74 26.10 -5.53
C THR B 234 7.92 27.60 -5.54
N ALA B 235 7.71 28.23 -4.39
CA ALA B 235 8.02 29.66 -4.28
C ALA B 235 9.49 29.93 -4.56
N ALA B 236 10.38 28.94 -4.41
CA ALA B 236 11.81 29.17 -4.57
C ALA B 236 12.25 29.29 -6.04
N ASN B 237 11.58 28.63 -6.96
CA ASN B 237 12.00 28.65 -8.37
C ASN B 237 10.99 29.23 -9.34
N CYS B 238 9.81 29.64 -8.88
CA CYS B 238 8.75 29.99 -9.83
C CYS B 238 9.10 31.26 -10.63
N ARG B 239 9.77 32.23 -10.00
CA ARG B 239 10.01 33.47 -10.73
C ARG B 239 11.01 33.28 -11.87
N THR B 240 12.05 32.46 -11.65
CA THR B 240 13.03 32.25 -12.71
C THR B 240 12.44 31.42 -13.86
N LEU B 241 11.55 30.47 -13.55
CA LEU B 241 10.86 29.72 -14.61
C LEU B 241 9.89 30.61 -15.37
N ALA B 242 9.17 31.47 -14.65
CA ALA B 242 8.15 32.29 -15.30
C ALA B 242 8.74 33.27 -16.32
N LYS B 243 9.98 33.72 -16.12
CA LYS B 243 10.53 34.69 -17.07
C LYS B 243 10.93 34.06 -18.40
N GLN B 244 10.90 32.73 -18.53
CA GLN B 244 11.31 32.13 -19.80
C GLN B 244 10.28 32.46 -20.88
N PRO B 245 10.72 32.79 -22.10
CA PRO B 245 9.78 33.35 -23.08
C PRO B 245 8.70 32.39 -23.55
N ASP B 246 8.92 31.08 -23.49
CA ASP B 246 7.90 30.14 -23.96
C ASP B 246 7.23 29.38 -22.82
N VAL B 247 7.48 29.77 -21.58
CA VAL B 247 6.79 29.25 -20.40
C VAL B 247 5.69 30.23 -20.04
N ASP B 248 4.44 29.77 -20.10
CA ASP B 248 3.28 30.65 -19.92
C ASP B 248 2.58 30.42 -18.59
N GLY B 249 3.20 29.70 -17.69
CA GLY B 249 2.57 29.44 -16.42
C GLY B 249 2.95 28.06 -15.94
N PHE B 250 2.13 27.51 -15.04
CA PHE B 250 2.49 26.32 -14.31
C PHE B 250 1.29 25.41 -14.09
N LEU B 251 1.56 24.11 -14.10
CA LEU B 251 0.67 23.11 -13.52
C LEU B 251 1.38 22.66 -12.25
N VAL B 252 0.88 23.10 -11.11
CA VAL B 252 1.59 22.96 -9.84
C VAL B 252 1.16 21.67 -9.17
N GLY B 253 2.10 20.96 -8.54
CA GLY B 253 1.76 19.76 -7.80
C GLY B 253 1.56 20.05 -6.33
N GLY B 254 2.46 19.53 -5.49
CA GLY B 254 2.26 19.62 -4.05
C GLY B 254 2.18 21.03 -3.49
N ALA B 255 2.79 21.99 -4.16
CA ALA B 255 2.68 23.36 -3.66
C ALA B 255 1.27 23.92 -3.81
N SER B 256 0.39 23.25 -4.58
CA SER B 256 -1.00 23.66 -4.73
C SER B 256 -1.76 23.63 -3.41
N LEU B 257 -1.30 22.82 -2.46
CA LEU B 257 -1.96 22.67 -1.18
C LEU B 257 -1.42 23.60 -0.12
N LYS B 258 -0.52 24.50 -0.47
CA LYS B 258 0.24 25.28 0.49
C LYS B 258 0.22 26.77 0.16
N PRO B 259 0.58 27.61 1.13
CA PRO B 259 0.68 29.05 0.81
C PRO B 259 1.63 29.37 -0.32
N ASP B 260 2.60 28.49 -0.65
CA ASP B 260 3.40 28.71 -1.87
C ASP B 260 2.54 28.96 -3.09
N PHE B 261 1.33 28.40 -3.13
CA PHE B 261 0.52 28.54 -4.34
C PHE B 261 0.32 30.00 -4.68
N ILE B 262 0.14 30.85 -3.67
CA ILE B 262 -0.10 32.25 -3.96
C ILE B 262 1.14 32.90 -4.58
N GLU B 263 2.33 32.59 -4.06
CA GLU B 263 3.52 33.18 -4.66
C GLU B 263 3.71 32.71 -6.10
N ILE B 264 3.35 31.46 -6.39
CA ILE B 264 3.44 30.96 -7.75
C ILE B 264 2.45 31.67 -8.66
N CYS B 265 1.22 31.90 -8.17
CA CYS B 265 0.26 32.66 -8.97
C CYS B 265 0.80 34.04 -9.33
N ASN B 266 1.66 34.59 -8.47
CA ASN B 266 2.22 35.92 -8.63
C ASN B 266 3.62 35.89 -9.26
N ALA B 267 4.02 34.77 -9.86
CA ALA B 267 5.41 34.60 -10.28
C ALA B 267 5.80 35.50 -11.45
N ASN B 268 4.84 35.88 -12.28
CA ASN B 268 5.11 36.64 -13.50
C ASN B 268 5.02 38.14 -13.28
N ALA B 269 4.57 38.59 -12.12
CA ALA B 269 4.37 40.01 -11.88
C ALA B 269 5.20 40.52 -10.72
N ARG C 25 15.10 25.42 14.12
CA ARG C 25 14.87 23.97 14.11
C ARG C 25 15.30 23.34 15.42
N LYS C 26 14.45 22.51 16.02
CA LYS C 26 14.80 21.89 17.28
C LYS C 26 15.79 20.76 17.04
N PHE C 27 16.91 20.79 17.79
CA PHE C 27 17.93 19.75 17.70
C PHE C 27 17.35 18.39 18.08
N PHE C 28 17.79 17.34 17.39
CA PHE C 28 17.15 16.04 17.46
C PHE C 28 18.23 14.96 17.55
N VAL C 29 18.22 14.16 18.61
CA VAL C 29 19.24 13.10 18.72
C VAL C 29 18.52 11.77 18.93
N GLY C 30 18.73 10.84 18.01
CA GLY C 30 18.14 9.50 18.10
C GLY C 30 19.22 8.46 18.35
N GLY C 31 18.95 7.55 19.28
CA GLY C 31 19.87 6.47 19.57
C GLY C 31 19.36 5.16 18.96
N ASN C 32 20.02 4.67 17.92
CA ASN C 32 19.60 3.43 17.28
C ASN C 32 20.35 2.27 17.95
N TRP C 33 19.64 1.49 18.80
CA TRP C 33 20.33 0.40 19.49
C TRP C 33 20.71 -0.76 18.55
N LYS C 34 20.15 -0.80 17.34
CA LYS C 34 20.32 -1.89 16.37
C LYS C 34 19.98 -3.21 17.07
N MET C 35 20.63 -4.30 16.71
CA MET C 35 20.27 -5.60 17.31
C MET C 35 21.11 -5.78 18.58
N ASN C 36 20.77 -4.99 19.59
CA ASN C 36 21.43 -5.04 20.89
C ASN C 36 20.37 -4.79 21.92
N GLY C 37 20.32 -5.64 22.95
CA GLY C 37 19.33 -5.42 23.99
C GLY C 37 19.02 -6.69 24.73
N SER C 38 18.59 -6.53 25.98
CA SER C 38 18.16 -7.60 26.87
C SER C 38 17.48 -6.90 28.04
N LYS C 39 16.63 -7.63 28.75
CA LYS C 39 15.93 -7.00 29.86
C LYS C 39 16.93 -6.33 30.82
N LYS C 40 18.04 -7.03 31.14
CA LYS C 40 19.09 -6.50 32.01
C LYS C 40 19.71 -5.22 31.48
N GLU C 41 20.15 -5.24 30.23
CA GLU C 41 20.89 -4.12 29.68
C GLU C 41 19.96 -2.96 29.37
N ASN C 42 18.72 -3.25 28.95
CA ASN C 42 17.76 -2.20 28.70
C ASN C 42 17.45 -1.43 29.97
N ASP C 43 17.26 -2.13 31.08
CA ASP C 43 16.99 -1.48 32.36
C ASP C 43 18.15 -0.56 32.74
N LYS C 44 19.40 -1.00 32.48
CA LYS C 44 20.58 -0.20 32.78
C LYS C 44 20.58 1.07 31.95
N LEU C 45 20.26 0.94 30.65
CA LEU C 45 20.21 2.09 29.75
C LEU C 45 19.09 3.05 30.11
N ILE C 46 17.94 2.50 30.48
CA ILE C 46 16.79 3.33 30.85
C ILE C 46 17.11 4.14 32.10
N GLU C 47 17.77 3.51 33.06
CA GLU C 47 18.14 4.22 34.28
C GLU C 47 19.12 5.35 33.97
N MET C 48 20.04 5.11 33.03
CA MET C 48 20.99 6.15 32.63
C MET C 48 20.27 7.36 32.01
N LEU C 49 19.32 7.09 31.12
CA LEU C 49 18.55 8.17 30.48
C LEU C 49 17.68 8.92 31.46
N THR C 50 17.03 8.19 32.35
CA THR C 50 16.10 8.80 33.30
C THR C 50 16.81 9.78 34.21
N HIS C 51 18.02 9.45 34.65
CA HIS C 51 18.73 10.28 35.61
C HIS C 51 19.68 11.28 34.96
N ALA C 52 19.85 11.23 33.64
CA ALA C 52 20.84 12.08 32.98
C ALA C 52 20.37 13.53 32.96
N LYS C 53 21.34 14.46 32.96
CA LYS C 53 21.05 15.88 32.73
C LYS C 53 21.20 16.14 31.24
N ILE C 54 20.07 16.38 30.58
CA ILE C 54 20.00 16.58 29.14
C ILE C 54 19.35 17.92 28.85
N ASP C 55 19.91 18.67 27.91
CA ASP C 55 19.33 19.91 27.44
C ASP C 55 17.83 19.74 27.17
N PRO C 56 16.96 20.48 27.87
CA PRO C 56 15.52 20.30 27.65
C PRO C 56 15.04 20.71 26.26
N ASN C 57 15.84 21.47 25.52
CA ASN C 57 15.48 21.91 24.18
C ASN C 57 15.84 20.88 23.11
N THR C 58 16.45 19.76 23.48
CA THR C 58 16.81 18.72 22.53
C THR C 58 15.76 17.61 22.55
N GLU C 59 15.30 17.23 21.37
CA GLU C 59 14.40 16.10 21.22
C GLU C 59 15.25 14.82 21.25
N VAL C 60 14.91 13.87 22.12
CA VAL C 60 15.72 12.66 22.30
C VAL C 60 14.86 11.44 22.03
N LEU C 61 15.42 10.49 21.26
CA LEU C 61 14.74 9.29 20.84
C LEU C 61 15.66 8.09 21.07
N VAL C 62 15.07 6.96 21.44
CA VAL C 62 15.81 5.70 21.46
C VAL C 62 15.00 4.68 20.66
N ALA C 63 15.71 3.73 20.05
CA ALA C 63 15.10 2.73 19.17
C ALA C 63 15.60 1.34 19.57
N PRO C 64 14.84 0.63 20.39
CA PRO C 64 15.21 -0.74 20.81
C PRO C 64 14.76 -1.78 19.81
N PRO C 65 15.25 -3.01 19.93
CA PRO C 65 14.68 -4.11 19.14
C PRO C 65 13.20 -4.27 19.44
N ALA C 66 12.47 -4.81 18.46
CA ALA C 66 11.00 -4.75 18.50
C ALA C 66 10.44 -5.50 19.70
N LEU C 67 11.05 -6.64 20.10
CA LEU C 67 10.58 -7.41 21.25
C LEU C 67 10.49 -6.55 22.51
N TYR C 68 11.32 -5.52 22.60
CA TYR C 68 11.45 -4.74 23.81
C TYR C 68 10.75 -3.39 23.74
N LEU C 69 10.20 -3.02 22.58
CA LEU C 69 9.52 -1.73 22.44
C LEU C 69 8.43 -1.49 23.46
N PRO C 70 7.50 -2.44 23.72
CA PRO C 70 6.43 -2.12 24.69
C PRO C 70 6.98 -1.85 26.08
N SER C 71 7.98 -2.64 26.50
CA SER C 71 8.53 -2.50 27.84
C SER C 71 9.33 -1.21 27.97
N VAL C 72 10.16 -0.89 26.97
CA VAL C 72 10.95 0.35 27.02
C VAL C 72 10.03 1.56 27.02
N ARG C 73 8.96 1.53 26.21
CA ARG C 73 8.05 2.66 26.18
C ARG C 73 7.31 2.83 27.52
N GLU C 74 6.94 1.74 28.19
CA GLU C 74 6.28 1.85 29.49
C GLU C 74 7.19 2.44 30.55
N LYS C 75 8.47 2.13 30.47
CA LYS C 75 9.41 2.49 31.53
C LYS C 75 10.06 3.86 31.35
N LEU C 76 10.07 4.42 30.15
CA LEU C 76 10.73 5.68 29.88
C LEU C 76 9.74 6.84 29.88
N ASP C 77 10.17 7.95 30.48
CA ASP C 77 9.37 9.16 30.50
C ASP C 77 9.01 9.58 29.08
N LYS C 78 7.83 10.20 28.92
CA LYS C 78 7.39 10.61 27.59
C LYS C 78 8.23 11.74 27.02
N ARG C 79 9.12 12.33 27.84
CA ARG C 79 10.13 13.25 27.33
C ARG C 79 10.98 12.59 26.23
N PHE C 80 11.14 11.28 26.30
CA PHE C 80 11.90 10.49 25.34
C PHE C 80 10.97 9.84 24.34
N HIS C 81 11.31 9.93 23.06
CA HIS C 81 10.61 9.15 22.07
C HIS C 81 11.17 7.74 22.02
N VAL C 82 10.29 6.78 21.74
CA VAL C 82 10.68 5.38 21.57
C VAL C 82 10.24 4.95 20.17
N ALA C 83 11.20 4.46 19.38
CA ALA C 83 11.00 4.20 17.97
C ALA C 83 11.21 2.72 17.67
N ALA C 84 10.39 2.19 16.75
CA ALA C 84 10.74 0.92 16.13
C ALA C 84 11.86 1.13 15.12
N GLN C 85 12.63 0.06 14.87
CA GLN C 85 13.74 0.11 13.91
C GLN C 85 13.30 -0.23 12.49
N ASN C 86 12.02 -0.51 12.28
CA ASN C 86 11.48 -0.87 10.98
C ASN C 86 10.00 -1.14 11.17
N CYS C 87 9.23 -1.02 10.09
CA CYS C 87 7.83 -1.44 10.12
C CYS C 87 7.42 -1.71 8.68
N TYR C 88 6.19 -2.15 8.47
CA TYR C 88 5.75 -2.46 7.13
C TYR C 88 4.75 -1.40 6.63
N LYS C 89 4.15 -1.65 5.46
CA LYS C 89 3.47 -0.60 4.69
C LYS C 89 1.95 -0.75 4.64
N VAL C 90 1.38 -1.67 5.39
CA VAL C 90 -0.08 -1.79 5.54
C VAL C 90 -0.35 -2.16 6.99
N PRO C 91 -1.59 -2.06 7.49
CA PRO C 91 -1.83 -2.33 8.92
C PRO C 91 -1.77 -3.79 9.31
N SER C 92 -2.11 -4.69 8.40
CA SER C 92 -2.16 -6.12 8.71
C SER C 92 -2.08 -6.90 7.41
N GLY C 93 -1.77 -8.18 7.53
CA GLY C 93 -1.81 -9.06 6.38
C GLY C 93 -0.81 -10.21 6.50
N ALA C 94 -0.65 -10.89 5.37
CA ALA C 94 0.13 -12.15 5.32
C ALA C 94 1.59 -11.80 5.05
N PHE C 95 2.24 -11.23 6.06
CA PHE C 95 3.63 -10.78 5.98
C PHE C 95 4.34 -11.32 7.21
N THR C 96 4.62 -12.61 7.20
CA THR C 96 5.23 -13.26 8.35
C THR C 96 6.54 -12.53 8.73
N GLY C 97 6.66 -12.17 10.01
CA GLY C 97 7.84 -11.50 10.52
C GLY C 97 7.82 -9.99 10.47
N GLU C 98 6.76 -9.38 9.98
CA GLU C 98 6.67 -7.92 9.87
C GLU C 98 5.70 -7.36 10.91
N VAL C 99 5.90 -6.08 11.26
CA VAL C 99 4.99 -5.36 12.15
C VAL C 99 4.59 -4.04 11.50
N SER C 100 3.41 -3.55 11.87
CA SER C 100 2.80 -2.39 11.23
C SER C 100 2.76 -1.17 12.14
N PRO C 101 2.63 0.03 11.56
CA PRO C 101 2.40 1.22 12.39
C PRO C 101 1.22 1.09 13.36
N ALA C 102 0.14 0.42 12.94
CA ALA C 102 -0.99 0.24 13.84
C ALA C 102 -0.57 -0.49 15.11
N MET C 103 0.27 -1.53 14.97
CA MET C 103 0.79 -2.24 16.14
C MET C 103 1.67 -1.32 16.99
N LEU C 104 2.51 -0.50 16.35
CA LEU C 104 3.33 0.43 17.11
C LEU C 104 2.45 1.32 17.99
N LYS C 105 1.39 1.89 17.39
CA LYS C 105 0.51 2.78 18.17
C LYS C 105 -0.19 2.03 19.28
N ASP C 106 -0.53 0.75 19.02
CA ASP C 106 -1.17 -0.09 20.03
C ASP C 106 -0.30 -0.25 21.28
N VAL C 107 1.03 -0.26 21.15
CA VAL C 107 1.91 -0.38 22.31
C VAL C 107 2.48 0.97 22.74
N GLY C 108 1.93 2.06 22.23
CA GLY C 108 2.29 3.37 22.72
C GLY C 108 3.46 4.03 22.04
N CYS C 109 3.91 3.50 20.91
CA CYS C 109 5.09 4.02 20.20
C CYS C 109 4.66 4.80 18.95
N ASP C 110 5.21 6.01 18.79
CA ASP C 110 4.80 6.87 17.67
C ASP C 110 5.95 7.27 16.76
N TRP C 111 7.05 6.50 16.76
CA TRP C 111 8.19 6.76 15.89
C TRP C 111 8.68 5.47 15.23
N VAL C 112 9.26 5.59 14.04
CA VAL C 112 9.91 4.46 13.38
C VAL C 112 11.09 4.98 12.55
N ILE C 113 12.17 4.20 12.51
CA ILE C 113 13.28 4.44 11.58
C ILE C 113 13.02 3.62 10.31
N LEU C 114 13.07 4.27 9.16
CA LEU C 114 12.82 3.57 7.89
C LEU C 114 13.94 3.84 6.91
N GLY C 115 14.30 2.82 6.12
CA GLY C 115 15.31 2.98 5.09
C GLY C 115 16.73 3.00 5.61
N HIS C 116 16.96 2.52 6.83
CA HIS C 116 18.32 2.47 7.34
C HIS C 116 19.21 1.69 6.37
N SER C 117 20.48 2.13 6.27
CA SER C 117 21.38 1.51 5.29
C SER C 117 21.46 0.00 5.45
N GLU C 118 21.41 -0.52 6.69
CA GLU C 118 21.50 -1.96 6.84
C GLU C 118 20.27 -2.65 6.25
N ARG C 119 19.11 -2.01 6.33
CA ARG C 119 17.93 -2.61 5.72
C ARG C 119 17.95 -2.48 4.21
N ARG C 120 18.49 -1.38 3.66
CA ARG C 120 18.57 -1.26 2.21
C ARG C 120 19.59 -2.22 1.62
N HIS C 121 20.79 -2.31 2.22
CA HIS C 121 21.90 -2.94 1.54
C HIS C 121 22.19 -4.35 2.02
N ILE C 122 21.78 -4.71 3.23
CA ILE C 122 21.89 -6.09 3.69
C ILE C 122 20.59 -6.83 3.51
N LEU C 123 19.48 -6.24 3.92
CA LEU C 123 18.17 -6.87 3.83
C LEU C 123 17.37 -6.49 2.58
N LEU C 124 17.96 -5.72 1.67
CA LEU C 124 17.53 -5.62 0.27
C LEU C 124 16.22 -4.81 0.10
N GLU C 125 15.94 -3.85 0.98
CA GLU C 125 14.76 -3.00 0.80
C GLU C 125 14.99 -1.97 -0.32
N THR C 126 14.03 -1.86 -1.22
CA THR C 126 14.12 -0.96 -2.37
C THR C 126 13.69 0.46 -1.99
N ASP C 127 14.05 1.43 -2.85
CA ASP C 127 13.60 2.82 -2.65
C ASP C 127 12.09 2.89 -2.57
N GLN C 128 11.42 2.17 -3.47
CA GLN C 128 9.96 2.19 -3.54
C GLN C 128 9.36 1.68 -2.24
N LEU C 129 9.88 0.56 -1.74
CA LEU C 129 9.36 0.02 -0.49
C LEU C 129 9.57 1.00 0.67
N VAL C 130 10.74 1.62 0.75
CA VAL C 130 10.95 2.61 1.82
C VAL C 130 9.96 3.77 1.68
N GLY C 131 9.70 4.21 0.45
CA GLY C 131 8.72 5.28 0.27
C GLY C 131 7.32 4.86 0.66
N GLU C 132 6.91 3.64 0.30
CA GLU C 132 5.58 3.18 0.68
C GLU C 132 5.45 3.05 2.19
N LYS C 133 6.46 2.48 2.86
CA LYS C 133 6.43 2.39 4.32
C LYS C 133 6.35 3.78 4.95
N THR C 134 7.11 4.73 4.42
CA THR C 134 7.14 6.06 5.01
C THR C 134 5.77 6.72 4.91
N ALA C 135 5.17 6.71 3.71
CA ALA C 135 3.86 7.32 3.54
C ALA C 135 2.81 6.65 4.41
N HIS C 136 2.90 5.33 4.54
CA HIS C 136 1.91 4.62 5.37
C HIS C 136 2.07 4.97 6.84
N ALA C 137 3.30 4.95 7.34
CA ALA C 137 3.54 5.29 8.75
C ALA C 137 3.02 6.69 9.06
N ILE C 138 3.35 7.67 8.20
CA ILE C 138 2.86 9.03 8.44
C ILE C 138 1.34 9.05 8.42
N SER C 139 0.73 8.32 7.49
CA SER C 139 -0.73 8.29 7.41
C SER C 139 -1.36 7.71 8.66
N ALA C 140 -0.63 6.80 9.33
CA ALA C 140 -1.08 6.14 10.55
C ALA C 140 -0.81 6.93 11.82
N GLY C 141 -0.20 8.13 11.71
CA GLY C 141 0.11 8.90 12.88
C GLY C 141 1.43 8.54 13.54
N VAL C 142 2.32 7.87 12.84
CA VAL C 142 3.64 7.53 13.34
C VAL C 142 4.66 8.45 12.68
N ASN C 143 5.51 9.09 13.49
CA ASN C 143 6.59 9.91 12.96
C ASN C 143 7.69 9.03 12.37
N VAL C 144 8.39 9.53 11.36
CA VAL C 144 9.36 8.72 10.63
C VAL C 144 10.73 9.42 10.60
N ILE C 145 11.79 8.69 10.96
CA ILE C 145 13.16 9.08 10.59
C ILE C 145 13.47 8.34 9.29
N ALA C 146 13.56 9.07 8.19
CA ALA C 146 13.74 8.47 6.88
C ALA C 146 15.22 8.59 6.50
N CYS C 147 15.89 7.46 6.25
CA CYS C 147 17.34 7.42 6.07
C CYS C 147 17.71 7.33 4.60
N ILE C 148 18.77 8.05 4.23
CA ILE C 148 19.31 8.05 2.87
C ILE C 148 20.83 8.01 2.96
N GLY C 149 21.49 7.71 1.85
CA GLY C 149 22.95 7.81 1.83
C GLY C 149 23.54 6.93 0.74
N GLU C 150 24.76 7.27 0.33
CA GLU C 150 25.42 6.64 -0.81
C GLU C 150 26.58 5.75 -0.37
N LYS C 151 26.83 4.70 -1.17
CA LYS C 151 27.92 3.77 -0.92
C LYS C 151 29.24 4.28 -1.50
N LEU C 152 30.33 3.60 -1.15
CA LEU C 152 31.66 4.09 -1.53
C LEU C 152 31.79 4.18 -3.05
N GLU C 153 31.41 3.12 -3.76
CA GLU C 153 31.58 3.15 -5.21
C GLU C 153 30.74 4.26 -5.84
N GLU C 154 29.57 4.55 -5.27
CA GLU C 154 28.73 5.63 -5.78
C GLU C 154 29.36 6.99 -5.55
N ARG C 155 29.90 7.22 -4.36
CA ARG C 155 30.59 8.47 -4.08
C ARG C 155 31.81 8.65 -4.98
N GLU C 156 32.58 7.57 -5.19
CA GLU C 156 33.76 7.65 -6.03
C GLU C 156 33.40 7.91 -7.48
N ALA C 157 32.20 7.52 -7.91
CA ALA C 157 31.74 7.79 -9.27
C ALA C 157 31.11 9.18 -9.40
N GLY C 158 31.13 9.99 -8.34
CA GLY C 158 30.52 11.30 -8.37
C GLY C 158 29.02 11.30 -8.26
N LYS C 159 28.43 10.26 -7.67
CA LYS C 159 26.99 10.09 -7.67
C LYS C 159 26.33 10.31 -6.29
N THR C 160 27.00 11.01 -5.37
CA THR C 160 26.40 11.29 -4.06
C THR C 160 25.03 11.95 -4.19
N GLU C 161 24.95 13.05 -4.94
CA GLU C 161 23.68 13.74 -5.11
C GLU C 161 22.68 12.88 -5.86
N GLU C 162 23.11 12.28 -6.97
CA GLU C 162 22.20 11.45 -7.76
C GLU C 162 21.55 10.40 -6.89
N VAL C 163 22.33 9.75 -6.02
CA VAL C 163 21.79 8.68 -5.20
C VAL C 163 20.86 9.24 -4.12
N CYS C 164 21.34 10.23 -3.37
CA CYS C 164 20.53 10.82 -2.30
C CYS C 164 19.22 11.36 -2.84
N PHE C 165 19.26 11.98 -4.02
CA PHE C 165 18.06 12.59 -4.56
C PHE C 165 17.09 11.52 -5.07
N ARG C 166 17.63 10.42 -5.62
CA ARG C 166 16.76 9.32 -6.02
C ARG C 166 16.06 8.71 -4.80
N GLN C 167 16.79 8.51 -3.71
CA GLN C 167 16.15 7.99 -2.49
C GLN C 167 15.12 8.96 -1.93
N MET C 168 15.43 10.26 -1.93
CA MET C 168 14.47 11.26 -1.43
C MET C 168 13.24 11.36 -2.33
N GLU C 169 13.41 11.23 -3.64
CA GLU C 169 12.24 11.28 -4.51
C GLU C 169 11.26 10.17 -4.17
N ALA C 170 11.77 8.98 -3.86
CA ALA C 170 10.89 7.87 -3.52
C ALA C 170 10.17 8.12 -2.21
N ILE C 171 10.82 8.82 -1.27
CA ILE C 171 10.20 9.20 0.01
C ILE C 171 9.18 10.32 -0.21
N ARG C 172 9.52 11.30 -1.05
CA ARG C 172 8.67 12.47 -1.27
C ARG C 172 7.42 12.16 -2.06
N LYS C 173 7.48 11.15 -2.93
CA LYS C 173 6.52 11.02 -4.01
C LYS C 173 5.08 11.10 -3.50
N ASN C 174 4.74 10.33 -2.46
CA ASN C 174 3.35 10.30 -2.01
C ASN C 174 3.15 10.91 -0.64
N LEU C 175 4.11 11.72 -0.19
CA LEU C 175 4.00 12.47 1.05
C LEU C 175 3.39 13.85 0.79
N SER C 176 2.40 14.23 1.61
CA SER C 176 1.78 15.55 1.52
C SER C 176 2.07 16.45 2.71
N MET C 177 2.70 15.92 3.75
CA MET C 177 2.97 16.68 4.96
C MET C 177 4.31 16.22 5.49
N TRP C 178 5.07 17.16 6.05
CA TRP C 178 6.46 16.93 6.41
C TRP C 178 6.72 17.24 7.88
N ASN C 179 5.70 17.66 8.63
CA ASN C 179 5.89 18.01 10.04
C ASN C 179 6.24 16.79 10.90
N HIS C 180 5.99 15.56 10.42
CA HIS C 180 6.26 14.34 11.19
C HIS C 180 7.39 13.52 10.57
N ILE C 181 8.26 14.15 9.81
CA ILE C 181 9.39 13.50 9.14
C ILE C 181 10.69 14.12 9.68
N VAL C 182 11.69 13.28 9.90
CA VAL C 182 13.08 13.71 10.08
C VAL C 182 13.91 12.97 9.04
N ILE C 183 14.81 13.67 8.35
CA ILE C 183 15.67 13.03 7.36
C ILE C 183 17.02 12.74 8.00
N ALA C 184 17.55 11.52 7.81
CA ALA C 184 18.87 11.16 8.33
C ALA C 184 19.78 10.81 7.17
N TYR C 185 20.92 11.49 7.08
CA TYR C 185 21.91 11.17 6.07
C TYR C 185 22.94 10.20 6.65
N GLU C 186 23.11 9.04 6.01
CA GLU C 186 24.13 8.05 6.37
C GLU C 186 25.25 8.01 5.33
N PRO C 187 26.45 8.47 5.65
CA PRO C 187 27.57 8.26 4.73
C PRO C 187 28.02 6.81 4.72
N VAL C 188 27.26 5.97 4.00
CA VAL C 188 27.53 4.53 3.95
C VAL C 188 28.93 4.27 3.46
N TRP C 189 29.44 5.14 2.58
CA TRP C 189 30.78 5.04 2.02
C TRP C 189 31.87 5.09 3.09
N ALA C 190 31.58 5.64 4.25
CA ALA C 190 32.54 5.73 5.34
C ALA C 190 32.38 4.59 6.36
N LYS C 195 36.80 4.64 5.34
CA LYS C 195 37.29 5.97 5.25
C LYS C 195 36.48 6.70 6.32
N THR C 196 36.81 7.94 6.67
CA THR C 196 36.05 8.68 7.67
C THR C 196 35.53 10.00 7.10
N ALA C 197 34.28 10.35 7.43
CA ALA C 197 33.70 11.60 6.95
C ALA C 197 34.02 12.78 7.85
N THR C 198 34.41 13.90 7.25
CA THR C 198 34.66 15.12 8.00
C THR C 198 33.37 15.90 8.21
N GLU C 199 33.42 16.84 9.15
CA GLU C 199 32.25 17.69 9.36
C GLU C 199 31.93 18.49 8.12
N GLN C 200 32.94 18.87 7.33
CA GLN C 200 32.70 19.61 6.10
C GLN C 200 32.01 18.74 5.06
N GLN C 201 32.40 17.46 4.95
CA GLN C 201 31.69 16.59 4.00
C GLN C 201 30.25 16.34 4.41
N ALA C 202 29.98 16.23 5.71
CA ALA C 202 28.61 16.05 6.16
C ALA C 202 27.77 17.29 5.86
N GLN C 203 28.29 18.47 6.21
CA GLN C 203 27.62 19.73 5.93
C GLN C 203 27.30 19.84 4.45
N GLU C 204 28.22 19.46 3.59
CA GLU C 204 28.01 19.61 2.16
C GLU C 204 26.80 18.80 1.70
N VAL C 205 26.66 17.57 2.17
CA VAL C 205 25.50 16.76 1.77
C VAL C 205 24.21 17.31 2.39
N HIS C 206 24.22 17.65 3.68
CA HIS C 206 23.02 18.17 4.32
C HIS C 206 22.52 19.43 3.63
N LEU C 207 23.45 20.32 3.24
CA LEU C 207 23.08 21.50 2.49
C LEU C 207 22.42 21.15 1.15
N ALA C 208 22.99 20.17 0.43
CA ALA C 208 22.42 19.79 -0.86
C ALA C 208 21.02 19.22 -0.70
N VAL C 209 20.80 18.42 0.34
CA VAL C 209 19.48 17.87 0.59
C VAL C 209 18.50 18.97 0.95
N ARG C 210 18.93 19.94 1.76
CA ARG C 210 18.01 21.02 2.12
C ARG C 210 17.65 21.85 0.90
N ARG C 211 18.62 22.12 0.03
CA ARG C 211 18.32 22.84 -1.20
C ARG C 211 17.42 22.05 -2.12
N TRP C 212 17.54 20.73 -2.13
CA TRP C 212 16.60 19.89 -2.86
C TRP C 212 15.18 20.04 -2.31
N MET C 213 15.02 20.05 -0.99
CA MET C 213 13.71 20.27 -0.35
C MET C 213 13.13 21.63 -0.76
N GLU C 214 13.99 22.65 -0.88
CA GLU C 214 13.49 23.97 -1.27
C GLU C 214 12.83 23.92 -2.62
N GLU C 215 13.42 23.16 -3.55
CA GLU C 215 12.89 23.24 -4.89
C GLU C 215 11.89 22.15 -5.25
N LYS C 216 11.91 21.05 -4.52
CA LYS C 216 11.02 19.93 -4.77
C LYS C 216 9.82 19.89 -3.83
N VAL C 217 9.88 20.56 -2.69
CA VAL C 217 8.77 20.55 -1.75
C VAL C 217 8.33 22.00 -1.53
N SER C 218 9.10 22.76 -0.76
CA SER C 218 8.89 24.19 -0.54
C SER C 218 10.01 24.78 0.31
N PRO C 219 10.27 26.09 0.18
CA PRO C 219 11.25 26.72 1.08
C PRO C 219 10.84 26.67 2.54
N ALA C 220 9.55 26.76 2.84
CA ALA C 220 9.11 26.73 4.23
C ALA C 220 9.38 25.38 4.87
N VAL C 221 9.14 24.29 4.13
CA VAL C 221 9.48 22.97 4.65
C VAL C 221 10.98 22.81 4.76
N ALA C 222 11.73 23.26 3.75
CA ALA C 222 13.18 23.15 3.80
C ALA C 222 13.77 23.85 5.02
N LYS C 223 13.21 25.01 5.38
CA LYS C 223 13.69 25.75 6.53
C LYS C 223 13.39 25.03 7.84
N SER C 224 12.32 24.26 7.89
CA SER C 224 11.89 23.70 9.16
C SER C 224 12.29 22.24 9.36
N ILE C 225 12.59 21.50 8.29
CA ILE C 225 12.83 20.06 8.42
C ILE C 225 14.18 19.80 9.06
N ARG C 226 14.21 18.82 9.97
CA ARG C 226 15.46 18.38 10.58
C ARG C 226 16.16 17.38 9.67
N ILE C 227 17.43 17.64 9.38
CA ILE C 227 18.30 16.72 8.66
C ILE C 227 19.41 16.34 9.62
N ILE C 228 19.39 15.09 10.08
CA ILE C 228 20.31 14.63 11.10
C ILE C 228 21.37 13.75 10.46
N TYR C 229 22.52 13.73 11.11
CA TYR C 229 23.67 13.03 10.57
C TYR C 229 23.75 11.65 11.20
N GLY C 230 23.90 10.63 10.35
CA GLY C 230 23.86 9.24 10.77
C GLY C 230 25.13 8.48 10.46
N GLY C 231 26.21 9.22 10.25
CA GLY C 231 27.55 8.67 10.21
C GLY C 231 28.04 8.36 11.61
N SER C 232 29.35 8.13 11.72
CA SER C 232 29.93 7.79 13.02
C SER C 232 29.85 9.01 13.93
N VAL C 233 29.08 8.88 15.01
CA VAL C 233 28.88 9.97 15.98
C VAL C 233 29.40 9.47 17.31
N THR C 234 30.35 10.21 17.86
CA THR C 234 30.99 9.87 19.12
C THR C 234 30.92 11.08 20.05
N ALA C 235 31.25 10.85 21.32
CA ALA C 235 31.36 11.99 22.24
C ALA C 235 32.45 12.94 21.78
N ALA C 236 33.47 12.44 21.07
CA ALA C 236 34.56 13.29 20.66
C ALA C 236 34.23 14.19 19.46
N ASN C 237 33.34 13.79 18.54
CA ASN C 237 33.15 14.60 17.34
C ASN C 237 31.78 15.26 17.30
N CYS C 238 30.92 15.03 18.30
CA CYS C 238 29.53 15.45 18.15
C CYS C 238 29.42 16.97 18.17
N ARG C 239 30.24 17.64 18.99
CA ARG C 239 30.11 19.10 19.07
C ARG C 239 30.53 19.75 17.76
N THR C 240 31.55 19.20 17.11
CA THR C 240 31.98 19.78 15.84
C THR C 240 30.94 19.55 14.76
N LEU C 241 30.29 18.37 14.75
CA LEU C 241 29.23 18.13 13.78
C LEU C 241 28.00 18.99 14.07
N ALA C 242 27.62 19.14 15.33
CA ALA C 242 26.41 19.86 15.67
C ALA C 242 26.47 21.34 15.26
N LYS C 243 27.66 21.94 15.25
CA LYS C 243 27.72 23.36 14.90
C LYS C 243 27.56 23.62 13.40
N GLN C 244 27.58 22.59 12.55
CA GLN C 244 27.41 22.83 11.14
C GLN C 244 25.99 23.33 10.88
N PRO C 245 25.83 24.34 10.02
CA PRO C 245 24.52 25.03 9.94
C PRO C 245 23.38 24.15 9.44
N ASP C 246 23.64 23.10 8.67
CA ASP C 246 22.56 22.28 8.15
C ASP C 246 22.53 20.89 8.77
N VAL C 247 23.31 20.67 9.83
CA VAL C 247 23.23 19.45 10.64
C VAL C 247 22.37 19.74 11.86
N ASP C 248 21.23 19.05 11.99
CA ASP C 248 20.26 19.34 13.04
C ASP C 248 20.23 18.30 14.14
N GLY C 249 21.23 17.42 14.20
CA GLY C 249 21.23 16.39 15.22
C GLY C 249 21.81 15.14 14.64
N PHE C 250 21.49 14.00 15.28
CA PHE C 250 22.20 12.76 15.00
C PHE C 250 21.26 11.57 15.06
N LEU C 251 21.57 10.57 14.25
CA LEU C 251 21.11 9.20 14.44
C LEU C 251 22.34 8.39 14.85
N VAL C 252 22.44 8.04 16.14
CA VAL C 252 23.66 7.49 16.73
C VAL C 252 23.61 5.97 16.69
N GLY C 253 24.76 5.33 16.41
CA GLY C 253 24.81 3.87 16.46
C GLY C 253 25.33 3.35 17.80
N GLY C 254 26.55 2.79 17.80
CA GLY C 254 27.05 2.08 18.98
C GLY C 254 27.15 2.94 20.24
N ALA C 255 27.37 4.25 20.09
CA ALA C 255 27.47 5.08 21.28
C ALA C 255 26.14 5.23 22.01
N SER C 256 25.02 4.89 21.36
CA SER C 256 23.74 4.94 22.04
C SER C 256 23.64 3.90 23.16
N LEU C 257 24.50 2.90 23.19
CA LEU C 257 24.47 1.90 24.24
C LEU C 257 25.37 2.24 25.42
N LYS C 258 25.97 3.42 25.44
CA LYS C 258 27.00 3.79 26.40
C LYS C 258 26.70 5.14 27.02
N PRO C 259 27.35 5.47 28.15
CA PRO C 259 27.16 6.82 28.72
C PRO C 259 27.52 7.93 27.75
N ASP C 260 28.35 7.67 26.75
CA ASP C 260 28.64 8.67 25.72
C ASP C 260 27.36 9.23 25.07
N PHE C 261 26.27 8.45 25.05
CA PHE C 261 25.04 8.94 24.43
C PHE C 261 24.59 10.25 25.06
N ILE C 262 24.77 10.39 26.38
CA ILE C 262 24.32 11.61 27.09
C ILE C 262 25.10 12.83 26.60
N GLU C 263 26.43 12.70 26.43
CA GLU C 263 27.19 13.83 25.90
C GLU C 263 26.75 14.20 24.50
N ILE C 264 26.41 13.20 23.67
CA ILE C 264 25.93 13.47 22.32
C ILE C 264 24.59 14.19 22.34
N CYS C 265 23.68 13.80 23.25
CA CYS C 265 22.42 14.52 23.41
C CYS C 265 22.65 15.99 23.75
N ASN C 266 23.77 16.30 24.38
CA ASN C 266 24.08 17.66 24.81
C ASN C 266 25.02 18.39 23.85
N ALA C 267 25.16 17.90 22.62
CA ALA C 267 26.16 18.42 21.68
C ALA C 267 25.86 19.83 21.20
N ASN C 268 24.59 20.23 21.20
CA ASN C 268 24.20 21.53 20.64
C ASN C 268 24.31 22.68 21.65
N ALA C 269 24.61 22.40 22.92
CA ALA C 269 24.80 23.49 23.89
C ALA C 269 26.24 23.52 24.38
N ARG D 25 5.51 -40.31 16.29
CA ARG D 25 5.75 -38.86 16.19
C ARG D 25 4.58 -38.05 16.78
N LYS D 26 4.88 -37.09 17.65
CA LYS D 26 3.82 -36.34 18.31
C LYS D 26 3.22 -35.30 17.36
N PHE D 27 1.89 -35.32 17.23
CA PHE D 27 1.18 -34.37 16.37
C PHE D 27 1.46 -32.93 16.80
N PHE D 28 1.67 -32.04 15.83
CA PHE D 28 2.24 -30.72 16.09
C PHE D 28 1.44 -29.68 15.33
N VAL D 29 0.86 -28.71 16.02
CA VAL D 29 0.06 -27.69 15.36
C VAL D 29 0.56 -26.32 15.79
N GLY D 30 1.02 -25.54 14.82
CA GLY D 30 1.51 -24.20 15.06
C GLY D 30 0.63 -23.16 14.38
N GLY D 31 0.26 -22.12 15.12
CA GLY D 31 -0.54 -21.04 14.57
C GLY D 31 0.32 -19.84 14.25
N ASN D 32 0.51 -19.58 12.96
CA ASN D 32 1.31 -18.43 12.51
C ASN D 32 0.34 -17.26 12.37
N TRP D 33 0.40 -16.33 13.32
CA TRP D 33 -0.52 -15.20 13.28
C TRP D 33 -0.19 -14.21 12.16
N LYS D 34 1.01 -14.29 11.58
CA LYS D 34 1.50 -13.36 10.54
C LYS D 34 1.41 -11.94 11.08
N MET D 35 1.18 -10.96 10.21
CA MET D 35 1.13 -9.57 10.68
C MET D 35 -0.29 -9.22 11.12
N ASN D 36 -0.68 -9.84 12.24
CA ASN D 36 -1.99 -9.63 12.84
C ASN D 36 -1.82 -9.67 14.33
N GLY D 37 -2.36 -8.70 15.02
CA GLY D 37 -2.28 -8.72 16.46
C GLY D 37 -2.50 -7.35 17.05
N SER D 38 -3.01 -7.33 18.29
CA SER D 38 -3.24 -6.14 19.09
C SER D 38 -3.49 -6.65 20.50
N LYS D 39 -3.29 -5.78 21.50
CA LYS D 39 -3.48 -6.24 22.88
C LYS D 39 -4.88 -6.82 23.05
N LYS D 40 -5.89 -6.14 22.49
CA LYS D 40 -7.26 -6.60 22.68
C LYS D 40 -7.51 -7.90 21.92
N GLU D 41 -7.04 -8.00 20.67
CA GLU D 41 -7.31 -9.22 19.92
C GLU D 41 -6.47 -10.37 20.44
N ASN D 42 -5.26 -10.09 20.89
CA ASN D 42 -4.41 -11.13 21.46
C ASN D 42 -5.05 -11.71 22.70
N ASP D 43 -5.60 -10.85 23.55
CA ASP D 43 -6.27 -11.32 24.77
C ASP D 43 -7.44 -12.24 24.43
N LYS D 44 -8.18 -11.94 23.36
CA LYS D 44 -9.32 -12.80 22.98
C LYS D 44 -8.83 -14.17 22.50
N LEU D 45 -7.73 -14.19 21.74
CA LEU D 45 -7.19 -15.48 21.29
C LEU D 45 -6.66 -16.29 22.46
N ILE D 46 -5.98 -15.64 23.41
CA ILE D 46 -5.42 -16.36 24.55
C ILE D 46 -6.54 -16.96 25.37
N GLU D 47 -7.62 -16.19 25.58
CA GLU D 47 -8.79 -16.72 26.27
C GLU D 47 -9.45 -17.88 25.51
N MET D 48 -9.49 -17.82 24.18
CA MET D 48 -10.02 -18.95 23.42
C MET D 48 -9.15 -20.20 23.62
N LEU D 49 -7.82 -20.03 23.55
CA LEU D 49 -6.92 -21.19 23.71
C LEU D 49 -7.00 -21.76 25.12
N THR D 50 -7.05 -20.88 26.13
CA THR D 50 -7.06 -21.33 27.51
C THR D 50 -8.34 -22.09 27.87
N HIS D 51 -9.49 -21.66 27.37
CA HIS D 51 -10.74 -22.27 27.76
C HIS D 51 -11.13 -23.47 26.91
N ALA D 52 -10.44 -23.68 25.79
CA ALA D 52 -10.77 -24.78 24.89
C ALA D 52 -10.32 -26.11 25.48
N LYS D 53 -11.01 -27.17 25.07
CA LYS D 53 -10.55 -28.53 25.33
C LYS D 53 -9.73 -28.96 24.11
N ILE D 54 -8.44 -29.19 24.32
CA ILE D 54 -7.51 -29.58 23.27
C ILE D 54 -6.92 -30.94 23.61
N ASP D 55 -6.82 -31.81 22.61
CA ASP D 55 -6.19 -33.13 22.74
C ASP D 55 -4.84 -33.01 23.47
N PRO D 56 -4.65 -33.70 24.60
CA PRO D 56 -3.37 -33.58 25.30
C PRO D 56 -2.19 -34.14 24.51
N ASN D 57 -2.45 -34.96 23.49
CA ASN D 57 -1.40 -35.52 22.66
C ASN D 57 -0.96 -34.58 21.54
N THR D 58 -1.50 -33.38 21.46
CA THR D 58 -1.08 -32.41 20.46
C THR D 58 -0.10 -31.41 21.08
N GLU D 59 1.05 -31.22 20.43
CA GLU D 59 1.95 -30.11 20.75
C GLU D 59 1.43 -28.86 20.04
N VAL D 60 1.20 -27.78 20.78
CA VAL D 60 0.54 -26.58 20.25
C VAL D 60 1.46 -25.37 20.42
N LEU D 61 1.56 -24.58 19.36
CA LEU D 61 2.42 -23.42 19.28
C LEU D 61 1.64 -22.26 18.67
N VAL D 62 1.92 -21.03 19.13
CA VAL D 62 1.40 -19.83 18.49
C VAL D 62 2.59 -18.92 18.22
N ALA D 63 2.47 -18.09 17.18
CA ALA D 63 3.57 -17.23 16.75
C ALA D 63 3.03 -15.83 16.52
N PRO D 64 3.10 -14.98 17.54
CA PRO D 64 2.59 -13.59 17.39
C PRO D 64 3.62 -12.68 16.77
N PRO D 65 3.22 -11.49 16.35
CA PRO D 65 4.21 -10.49 15.91
C PRO D 65 5.17 -10.18 17.05
N ALA D 66 6.36 -9.73 16.67
CA ALA D 66 7.47 -9.66 17.62
C ALA D 66 7.18 -8.73 18.79
N LEU D 67 6.45 -7.63 18.54
CA LEU D 67 6.08 -6.69 19.60
C LEU D 67 5.34 -7.36 20.75
N TYR D 68 4.64 -8.45 20.45
CA TYR D 68 3.74 -9.08 21.39
C TYR D 68 4.29 -10.36 21.98
N LEU D 69 5.48 -10.79 21.56
CA LEU D 69 6.04 -12.04 22.08
C LEU D 69 6.16 -12.06 23.61
N PRO D 70 6.72 -11.03 24.28
CA PRO D 70 6.85 -11.14 25.74
C PRO D 70 5.51 -11.20 26.45
N SER D 71 4.54 -10.37 26.03
CA SER D 71 3.24 -10.34 26.71
C SER D 71 2.45 -11.60 26.43
N VAL D 72 2.47 -12.11 25.20
CA VAL D 72 1.75 -13.35 24.93
C VAL D 72 2.37 -14.51 25.73
N ARG D 73 3.71 -14.55 25.81
CA ARG D 73 4.35 -15.62 26.57
C ARG D 73 4.00 -15.53 28.04
N GLU D 74 3.94 -14.30 28.56
CA GLU D 74 3.58 -14.12 29.97
C GLU D 74 2.13 -14.56 30.24
N LYS D 75 1.22 -14.29 29.30
CA LYS D 75 -0.20 -14.53 29.54
C LYS D 75 -0.65 -15.93 29.18
N LEU D 76 0.10 -16.65 28.36
CA LEU D 76 -0.32 -17.98 27.91
C LEU D 76 0.35 -19.06 28.74
N ASP D 77 -0.43 -20.06 29.14
CA ASP D 77 0.09 -21.19 29.92
C ASP D 77 1.24 -21.86 29.19
N LYS D 78 2.18 -22.41 29.97
CA LYS D 78 3.39 -23.00 29.39
C LYS D 78 3.10 -24.28 28.62
N ARG D 79 1.88 -24.83 28.71
CA ARG D 79 1.47 -25.90 27.82
C ARG D 79 1.62 -25.51 26.36
N PHE D 80 1.51 -24.23 26.05
CA PHE D 80 1.63 -23.73 24.69
C PHE D 80 3.02 -23.17 24.46
N HIS D 81 3.60 -23.50 23.31
CA HIS D 81 4.81 -22.83 22.87
C HIS D 81 4.48 -21.47 22.26
N VAL D 82 5.40 -20.53 22.42
CA VAL D 82 5.31 -19.21 21.79
C VAL D 82 6.53 -19.02 20.91
N ALA D 83 6.32 -18.70 19.63
CA ALA D 83 7.40 -18.62 18.67
C ALA D 83 7.49 -17.24 18.04
N ALA D 84 8.71 -16.79 17.75
CA ALA D 84 8.90 -15.66 16.84
C ALA D 84 8.63 -16.09 15.39
N GLN D 85 8.27 -15.11 14.57
CA GLN D 85 7.99 -15.41 13.17
C GLN D 85 9.24 -15.30 12.29
N ASN D 86 10.38 -14.93 12.88
CA ASN D 86 11.64 -14.72 12.16
C ASN D 86 12.69 -14.32 13.18
N CYS D 87 13.97 -14.54 12.83
CA CYS D 87 15.07 -14.02 13.66
C CYS D 87 16.29 -13.92 12.75
N TYR D 88 17.39 -13.40 13.29
CA TYR D 88 18.61 -13.27 12.49
C TYR D 88 19.66 -14.32 12.89
N LYS D 89 20.87 -14.21 12.34
CA LYS D 89 21.81 -15.33 12.33
C LYS D 89 23.03 -15.12 13.21
N VAL D 90 23.04 -14.07 14.03
CA VAL D 90 24.07 -13.84 15.06
C VAL D 90 23.37 -13.29 16.30
N PRO D 91 24.02 -13.29 17.49
CA PRO D 91 23.33 -12.87 18.72
C PRO D 91 23.08 -11.38 18.80
N SER D 92 23.94 -10.56 18.20
CA SER D 92 23.82 -9.13 18.32
C SER D 92 24.60 -8.49 17.19
N GLY D 93 24.34 -7.23 16.93
CA GLY D 93 25.19 -6.52 15.99
C GLY D 93 24.45 -5.43 15.24
N ALA D 94 25.12 -4.93 14.21
CA ALA D 94 24.67 -3.75 13.47
C ALA D 94 23.73 -4.20 12.35
N PHE D 95 22.54 -4.64 12.78
CA PHE D 95 21.50 -5.18 11.90
C PHE D 95 20.19 -4.55 12.32
N THR D 96 20.00 -3.31 11.93
CA THR D 96 18.82 -2.53 12.31
C THR D 96 17.55 -3.27 11.87
N GLY D 97 16.60 -3.46 12.81
CA GLY D 97 15.33 -4.11 12.56
C GLY D 97 15.32 -5.62 12.74
N GLU D 98 16.45 -6.23 13.12
CA GLU D 98 16.52 -7.69 13.29
C GLU D 98 16.56 -8.03 14.77
N VAL D 99 16.13 -9.25 15.11
CA VAL D 99 16.20 -9.76 16.47
C VAL D 99 16.87 -11.13 16.46
N SER D 100 17.51 -11.47 17.58
CA SER D 100 18.30 -12.69 17.60
C SER D 100 17.66 -13.78 18.46
N PRO D 101 18.06 -15.03 18.25
CA PRO D 101 17.64 -16.11 19.16
C PRO D 101 17.92 -15.81 20.63
N ALA D 102 19.05 -15.16 20.93
CA ALA D 102 19.34 -14.82 22.33
C ALA D 102 18.26 -13.90 22.91
N MET D 103 17.79 -12.94 22.11
CA MET D 103 16.71 -12.07 22.56
C MET D 103 15.42 -12.85 22.79
N LEU D 104 15.13 -13.80 21.91
CA LEU D 104 13.93 -14.63 22.08
C LEU D 104 13.97 -15.35 23.41
N LYS D 105 15.12 -15.99 23.72
CA LYS D 105 15.24 -16.70 24.99
C LYS D 105 15.14 -15.76 26.17
N ASP D 106 15.64 -14.53 26.02
CA ASP D 106 15.61 -13.53 27.09
C ASP D 106 14.19 -13.19 27.52
N VAL D 107 13.25 -13.23 26.60
CA VAL D 107 11.84 -12.96 26.87
C VAL D 107 11.03 -14.24 27.00
N GLY D 108 11.70 -15.38 27.17
CA GLY D 108 11.02 -16.62 27.52
C GLY D 108 10.48 -17.45 26.37
N CYS D 109 10.84 -17.15 25.13
CA CYS D 109 10.31 -17.88 23.97
C CYS D 109 11.40 -18.79 23.41
N ASP D 110 11.07 -20.07 23.12
CA ASP D 110 12.17 -20.93 22.70
C ASP D 110 11.94 -21.46 21.29
N TRP D 111 11.09 -20.81 20.49
CA TRP D 111 10.79 -21.27 19.13
C TRP D 111 10.86 -20.13 18.13
N VAL D 112 11.17 -20.47 16.87
CA VAL D 112 11.14 -19.51 15.76
C VAL D 112 10.75 -20.23 14.47
N ILE D 113 9.99 -19.52 13.63
CA ILE D 113 9.69 -19.95 12.27
C ILE D 113 10.71 -19.31 11.35
N LEU D 114 11.38 -20.11 10.52
CA LEU D 114 12.42 -19.62 9.62
C LEU D 114 12.12 -20.11 8.22
N GLY D 115 12.36 -19.25 7.23
CA GLY D 115 12.19 -19.65 5.84
C GLY D 115 10.76 -19.67 5.36
N HIS D 116 9.83 -19.04 6.07
CA HIS D 116 8.46 -18.99 5.60
C HIS D 116 8.40 -18.42 4.18
N SER D 117 7.46 -18.94 3.37
CA SER D 117 7.38 -18.56 1.97
C SER D 117 7.28 -17.05 1.79
N GLU D 118 6.57 -16.36 2.69
CA GLU D 118 6.48 -14.91 2.56
C GLU D 118 7.84 -14.27 2.75
N ARG D 119 8.68 -14.82 3.62
CA ARG D 119 9.99 -14.24 3.78
C ARG D 119 10.92 -14.57 2.62
N ARG D 120 10.81 -15.77 2.05
CA ARG D 120 11.63 -16.10 0.88
C ARG D 120 11.20 -15.29 -0.35
N HIS D 121 9.89 -15.17 -0.59
CA HIS D 121 9.44 -14.69 -1.90
C HIS D 121 9.01 -13.24 -1.92
N ILE D 122 8.59 -12.67 -0.80
CA ILE D 122 8.31 -11.23 -0.71
C ILE D 122 9.49 -10.47 -0.14
N LEU D 123 10.09 -10.98 0.93
CA LEU D 123 11.19 -10.27 1.58
C LEU D 123 12.55 -10.77 1.14
N LEU D 124 12.60 -11.67 0.15
CA LEU D 124 13.79 -11.96 -0.64
C LEU D 124 14.88 -12.72 0.14
N GLU D 125 14.50 -13.53 1.12
CA GLU D 125 15.49 -14.34 1.84
C GLU D 125 15.97 -15.52 0.99
N THR D 126 17.29 -15.69 0.90
CA THR D 126 17.88 -16.77 0.11
C THR D 126 17.90 -18.08 0.89
N ASP D 127 18.09 -19.18 0.13
CA ASP D 127 18.28 -20.48 0.77
C ASP D 127 19.42 -20.45 1.77
N GLN D 128 20.55 -19.85 1.37
CA GLN D 128 21.71 -19.78 2.25
C GLN D 128 21.40 -19.03 3.55
N LEU D 129 20.72 -17.88 3.45
CA LEU D 129 20.38 -17.13 4.65
C LEU D 129 19.46 -17.92 5.57
N VAL D 130 18.45 -18.60 5.01
CA VAL D 130 17.59 -19.44 5.85
C VAL D 130 18.42 -20.53 6.53
N GLY D 131 19.37 -21.12 5.81
CA GLY D 131 20.23 -22.14 6.42
C GLY D 131 21.09 -21.58 7.55
N GLU D 132 21.67 -20.38 7.34
CA GLU D 132 22.50 -19.77 8.38
C GLU D 132 21.67 -19.41 9.62
N LYS D 133 20.47 -18.86 9.42
CA LYS D 133 19.60 -18.55 10.56
C LYS D 133 19.23 -19.83 11.32
N THR D 134 18.92 -20.90 10.60
CA THR D 134 18.51 -22.13 11.24
C THR D 134 19.65 -22.70 12.09
N ALA D 135 20.86 -22.75 11.52
CA ALA D 135 22.02 -23.27 12.26
C ALA D 135 22.30 -22.43 13.50
N HIS D 136 22.23 -21.11 13.37
CA HIS D 136 22.49 -20.27 14.55
C HIS D 136 21.43 -20.45 15.62
N ALA D 137 20.15 -20.43 15.22
CA ALA D 137 19.07 -20.61 16.19
C ALA D 137 19.21 -21.92 16.95
N ILE D 138 19.45 -23.02 16.24
CA ILE D 138 19.63 -24.31 16.90
C ILE D 138 20.83 -24.29 17.85
N SER D 139 21.95 -23.72 17.41
CA SER D 139 23.13 -23.66 18.28
C SER D 139 22.87 -22.78 19.50
N ALA D 140 22.02 -21.77 19.37
CA ALA D 140 21.73 -20.86 20.47
C ALA D 140 20.68 -21.41 21.44
N GLY D 141 20.12 -22.59 21.19
CA GLY D 141 19.12 -23.18 22.06
C GLY D 141 17.66 -22.85 21.76
N VAL D 142 17.34 -22.41 20.55
CA VAL D 142 15.97 -22.13 20.11
C VAL D 142 15.53 -23.23 19.15
N ASN D 143 14.32 -23.76 19.36
CA ASN D 143 13.75 -24.74 18.41
C ASN D 143 13.27 -24.04 17.13
N VAL D 144 13.31 -24.74 16.00
CA VAL D 144 13.06 -24.11 14.69
C VAL D 144 11.97 -24.86 13.93
N ILE D 145 10.98 -24.13 13.40
CA ILE D 145 10.12 -24.64 12.33
C ILE D 145 10.70 -24.12 11.03
N ALA D 146 11.28 -25.03 10.23
CA ALA D 146 11.99 -24.63 9.02
C ALA D 146 11.08 -24.92 7.83
N CYS D 147 10.78 -23.88 7.06
CA CYS D 147 9.79 -23.97 5.99
C CYS D 147 10.45 -24.12 4.63
N ILE D 148 9.85 -24.95 3.77
CA ILE D 148 10.31 -25.22 2.40
C ILE D 148 9.09 -25.27 1.50
N GLY D 149 9.30 -25.18 0.19
CA GLY D 149 8.18 -25.39 -0.73
C GLY D 149 8.43 -24.75 -2.07
N GLU D 150 7.73 -25.27 -3.08
CA GLU D 150 7.99 -24.88 -4.47
C GLU D 150 6.84 -24.05 -5.04
N LYS D 151 7.16 -23.18 -5.98
CA LYS D 151 6.21 -22.33 -6.68
C LYS D 151 5.61 -23.06 -7.89
N LEU D 152 4.58 -22.44 -8.48
CA LEU D 152 3.84 -23.09 -9.55
C LEU D 152 4.73 -23.40 -10.75
N GLU D 153 5.54 -22.43 -11.17
CA GLU D 153 6.39 -22.64 -12.35
C GLU D 153 7.38 -23.78 -12.12
N GLU D 154 7.87 -23.92 -10.88
CA GLU D 154 8.78 -25.02 -10.52
C GLU D 154 8.04 -26.36 -10.51
N ARG D 155 6.83 -26.38 -9.95
CA ARG D 155 6.05 -27.62 -9.96
C ARG D 155 5.71 -28.04 -11.38
N GLU D 156 5.32 -27.10 -12.24
CA GLU D 156 4.96 -27.46 -13.61
C GLU D 156 6.16 -27.94 -14.42
N ALA D 157 7.38 -27.52 -14.05
CA ALA D 157 8.58 -28.01 -14.72
C ALA D 157 9.08 -29.33 -14.13
N GLY D 158 8.35 -29.93 -13.20
CA GLY D 158 8.78 -31.17 -12.59
C GLY D 158 9.87 -31.02 -11.55
N LYS D 159 9.98 -29.84 -10.92
CA LYS D 159 11.10 -29.56 -10.02
C LYS D 159 10.67 -29.51 -8.56
N THR D 160 9.53 -30.11 -8.20
CA THR D 160 9.09 -30.12 -6.80
C THR D 160 10.19 -30.66 -5.89
N GLU D 161 10.67 -31.87 -6.18
CA GLU D 161 11.72 -32.44 -5.33
C GLU D 161 13.01 -31.65 -5.43
N GLU D 162 13.41 -31.27 -6.64
CA GLU D 162 14.64 -30.51 -6.80
C GLU D 162 14.64 -29.26 -5.93
N VAL D 163 13.52 -28.53 -5.90
CA VAL D 163 13.47 -27.29 -5.13
C VAL D 163 13.44 -27.58 -3.64
N CYS D 164 12.54 -28.46 -3.20
CA CYS D 164 12.46 -28.79 -1.79
C CYS D 164 13.79 -29.33 -1.28
N PHE D 165 14.46 -30.15 -2.08
CA PHE D 165 15.72 -30.76 -1.65
C PHE D 165 16.83 -29.74 -1.60
N ARG D 166 16.83 -28.76 -2.51
CA ARG D 166 17.82 -27.68 -2.47
C ARG D 166 17.66 -26.85 -1.19
N GLN D 167 16.41 -26.57 -0.83
CA GLN D 167 16.16 -25.82 0.40
C GLN D 167 16.56 -26.63 1.63
N MET D 168 16.30 -27.94 1.63
CA MET D 168 16.73 -28.76 2.76
C MET D 168 18.25 -28.88 2.84
N GLU D 169 18.92 -28.97 1.68
CA GLU D 169 20.36 -29.09 1.67
C GLU D 169 21.03 -27.86 2.30
N ALA D 170 20.45 -26.67 2.09
CA ALA D 170 21.02 -25.45 2.68
C ALA D 170 20.90 -25.45 4.19
N ILE D 171 19.84 -26.06 4.70
CA ILE D 171 19.68 -26.22 6.14
C ILE D 171 20.66 -27.28 6.65
N ARG D 172 20.81 -28.37 5.90
CA ARG D 172 21.62 -29.47 6.38
C ARG D 172 23.11 -29.09 6.44
N LYS D 173 23.52 -28.15 5.58
CA LYS D 173 24.94 -27.89 5.35
C LYS D 173 25.72 -27.62 6.64
N ASN D 174 25.24 -26.69 7.47
CA ASN D 174 25.96 -26.31 8.69
C ASN D 174 25.17 -26.62 9.96
N LEU D 175 24.13 -27.44 9.89
CA LEU D 175 23.30 -27.72 11.05
C LEU D 175 24.01 -28.70 12.00
N SER D 176 23.98 -28.40 13.31
CA SER D 176 24.72 -29.24 14.25
C SER D 176 23.94 -30.45 14.76
N MET D 177 22.63 -30.51 14.57
CA MET D 177 21.78 -31.62 15.05
C MET D 177 20.33 -31.29 14.71
N TRP D 178 19.50 -32.32 14.69
CA TRP D 178 18.15 -32.19 14.13
C TRP D 178 17.01 -32.39 15.13
N ASN D 179 17.26 -32.68 16.43
CA ASN D 179 16.16 -33.06 17.32
C ASN D 179 15.18 -31.92 17.55
N HIS D 180 15.66 -30.69 17.45
CA HIS D 180 14.89 -29.52 17.82
C HIS D 180 14.37 -28.76 16.60
N ILE D 181 14.15 -29.50 15.50
CA ILE D 181 13.67 -28.98 14.22
C ILE D 181 12.36 -29.67 13.85
N VAL D 182 11.44 -28.88 13.30
CA VAL D 182 10.22 -29.33 12.64
C VAL D 182 10.27 -28.77 11.22
N ILE D 183 9.97 -29.61 10.22
CA ILE D 183 9.96 -29.15 8.82
C ILE D 183 8.52 -28.85 8.44
N ALA D 184 8.28 -27.69 7.81
CA ALA D 184 6.95 -27.33 7.30
C ALA D 184 7.03 -27.23 5.78
N TYR D 185 6.16 -27.99 5.09
CA TYR D 185 6.05 -27.92 3.65
C TYR D 185 4.94 -26.94 3.29
N GLU D 186 5.29 -25.92 2.51
CA GLU D 186 4.31 -24.96 2.01
C GLU D 186 4.10 -25.14 0.52
N PRO D 187 2.94 -25.57 0.07
CA PRO D 187 2.69 -25.66 -1.37
C PRO D 187 2.49 -24.28 -1.98
N VAL D 188 3.58 -23.55 -2.21
CA VAL D 188 3.47 -22.17 -2.69
C VAL D 188 2.73 -22.12 -4.01
N TRP D 189 2.86 -23.19 -4.82
CA TRP D 189 2.15 -23.31 -6.09
C TRP D 189 0.63 -23.27 -5.91
N ALA D 190 0.14 -23.65 -4.73
CA ALA D 190 -1.29 -23.57 -4.42
C ALA D 190 -1.62 -22.32 -3.64
N ILE D 191 -0.81 -21.98 -2.65
CA ILE D 191 -1.05 -20.77 -1.85
C ILE D 191 -1.17 -19.55 -2.74
N GLY D 192 -0.23 -19.40 -3.69
CA GLY D 192 -0.14 -18.15 -4.43
C GLY D 192 -1.04 -18.05 -5.66
N THR D 193 -1.74 -19.13 -6.01
CA THR D 193 -2.53 -19.17 -7.24
C THR D 193 -4.01 -19.38 -7.00
N GLY D 194 -4.38 -19.81 -5.79
CA GLY D 194 -5.68 -20.29 -5.32
C GLY D 194 -6.09 -21.66 -5.83
N LYS D 195 -5.16 -22.41 -6.41
CA LYS D 195 -5.39 -23.83 -6.57
C LYS D 195 -5.47 -24.47 -5.19
N THR D 196 -5.96 -25.70 -5.15
CA THR D 196 -6.03 -26.42 -3.89
C THR D 196 -5.25 -27.71 -4.01
N ALA D 197 -4.38 -27.94 -3.04
CA ALA D 197 -3.59 -29.15 -3.01
C ALA D 197 -4.45 -30.24 -2.40
N THR D 198 -4.40 -31.42 -2.98
CA THR D 198 -5.14 -32.52 -2.38
C THR D 198 -4.32 -33.14 -1.26
N GLU D 199 -4.99 -33.92 -0.41
CA GLU D 199 -4.24 -34.60 0.64
C GLU D 199 -3.24 -35.58 0.04
N GLN D 200 -3.57 -36.15 -1.12
CA GLN D 200 -2.64 -37.06 -1.78
C GLN D 200 -1.39 -36.32 -2.24
N GLN D 201 -1.54 -35.11 -2.77
CA GLN D 201 -0.37 -34.35 -3.21
C GLN D 201 0.48 -33.93 -2.02
N ALA D 202 -0.16 -33.61 -0.89
CA ALA D 202 0.61 -33.26 0.30
C ALA D 202 1.39 -34.47 0.80
N GLN D 203 0.72 -35.61 0.90
CA GLN D 203 1.35 -36.85 1.35
C GLN D 203 2.56 -37.18 0.48
N GLU D 204 2.43 -37.02 -0.84
CA GLU D 204 3.52 -37.36 -1.75
C GLU D 204 4.77 -36.51 -1.47
N VAL D 205 4.59 -35.21 -1.23
CA VAL D 205 5.76 -34.38 -0.95
C VAL D 205 6.35 -34.72 0.41
N HIS D 206 5.49 -34.87 1.43
CA HIS D 206 5.97 -35.23 2.76
C HIS D 206 6.74 -36.53 2.74
N LEU D 207 6.26 -37.52 1.99
CA LEU D 207 6.98 -38.78 1.89
C LEU D 207 8.36 -38.58 1.26
N ALA D 208 8.43 -37.78 0.18
CA ALA D 208 9.70 -37.54 -0.49
C ALA D 208 10.68 -36.79 0.41
N VAL D 209 10.20 -35.82 1.18
CA VAL D 209 11.06 -35.08 2.10
C VAL D 209 11.60 -36.02 3.16
N ARG D 210 10.75 -36.90 3.68
CA ARG D 210 11.22 -37.84 4.69
C ARG D 210 12.25 -38.80 4.08
N ARG D 211 12.04 -39.23 2.83
CA ARG D 211 13.00 -40.11 2.18
C ARG D 211 14.35 -39.41 2.00
N TRP D 212 14.35 -38.10 1.70
CA TRP D 212 15.58 -37.32 1.65
C TRP D 212 16.29 -37.29 3.01
N MET D 213 15.53 -37.09 4.10
CA MET D 213 16.12 -37.11 5.43
C MET D 213 16.76 -38.45 5.71
N GLU D 214 16.09 -39.54 5.31
CA GLU D 214 16.62 -40.87 5.57
C GLU D 214 17.95 -41.08 4.89
N GLU D 215 18.08 -40.58 3.66
CA GLU D 215 19.28 -40.89 2.87
C GLU D 215 20.40 -39.89 3.10
N LYS D 216 20.06 -38.64 3.45
CA LYS D 216 21.06 -37.60 3.61
C LYS D 216 21.44 -37.35 5.05
N VAL D 217 20.59 -37.75 6.01
CA VAL D 217 20.90 -37.55 7.42
C VAL D 217 21.01 -38.91 8.10
N SER D 218 19.87 -39.53 8.39
CA SER D 218 19.87 -40.89 8.95
C SER D 218 18.46 -41.45 9.02
N PRO D 219 18.31 -42.77 9.00
CA PRO D 219 16.95 -43.34 9.19
C PRO D 219 16.34 -42.96 10.53
N ALA D 220 17.15 -42.86 11.58
CA ALA D 220 16.60 -42.52 12.89
C ALA D 220 16.02 -41.12 12.91
N VAL D 221 16.71 -40.16 12.30
CA VAL D 221 16.15 -38.81 12.26
C VAL D 221 14.91 -38.77 11.38
N ALA D 222 14.94 -39.43 10.22
CA ALA D 222 13.79 -39.37 9.32
C ALA D 222 12.54 -39.92 10.01
N LYS D 223 12.70 -40.97 10.82
CA LYS D 223 11.57 -41.57 11.52
C LYS D 223 11.00 -40.66 12.59
N SER D 224 11.83 -39.80 13.20
CA SER D 224 11.39 -39.01 14.35
C SER D 224 11.02 -37.58 14.00
N ILE D 225 11.55 -37.01 12.92
CA ILE D 225 11.30 -35.59 12.65
C ILE D 225 9.85 -35.37 12.20
N ARG D 226 9.22 -34.32 12.76
CA ARG D 226 7.87 -33.96 12.34
C ARG D 226 7.94 -33.15 11.05
N ILE D 227 7.13 -33.55 10.07
CA ILE D 227 6.95 -32.81 8.83
C ILE D 227 5.50 -32.37 8.81
N ILE D 228 5.28 -31.05 8.95
CA ILE D 228 3.93 -30.52 9.09
C ILE D 228 3.53 -29.80 7.79
N TYR D 229 2.23 -29.77 7.54
CA TYR D 229 1.72 -29.24 6.29
C TYR D 229 1.34 -27.77 6.46
N GLY D 230 1.80 -26.94 5.53
CA GLY D 230 1.63 -25.51 5.61
C GLY D 230 0.83 -24.91 4.48
N GLY D 231 0.05 -25.73 3.76
CA GLY D 231 -0.95 -25.20 2.85
C GLY D 231 -2.16 -24.75 3.63
N SER D 232 -3.21 -24.38 2.92
CA SER D 232 -4.36 -23.81 3.62
C SER D 232 -5.05 -24.89 4.43
N VAL D 233 -5.13 -24.70 5.75
CA VAL D 233 -5.76 -25.66 6.64
C VAL D 233 -6.85 -24.92 7.39
N THR D 234 -8.08 -25.43 7.32
CA THR D 234 -9.22 -24.88 8.06
C THR D 234 -9.92 -26.02 8.78
N ALA D 235 -10.97 -25.69 9.51
CA ALA D 235 -11.79 -26.74 10.11
C ALA D 235 -12.37 -27.68 9.06
N ALA D 236 -12.49 -27.23 7.80
CA ALA D 236 -13.13 -28.05 6.77
C ALA D 236 -12.24 -29.17 6.26
N ASN D 237 -10.92 -29.00 6.25
CA ASN D 237 -10.04 -30.02 5.67
C ASN D 237 -9.03 -30.63 6.63
N CYS D 238 -8.98 -30.19 7.90
CA CYS D 238 -7.87 -30.59 8.74
C CYS D 238 -7.90 -32.10 9.04
N ARG D 239 -9.09 -32.68 9.21
CA ARG D 239 -9.14 -34.08 9.61
C ARG D 239 -8.66 -34.98 8.48
N THR D 240 -9.02 -34.64 7.23
CA THR D 240 -8.56 -35.43 6.09
C THR D 240 -7.05 -35.32 5.89
N LEU D 241 -6.50 -34.12 6.05
CA LEU D 241 -5.06 -33.96 5.91
C LEU D 241 -4.33 -34.70 7.03
N ALA D 242 -4.87 -34.66 8.25
CA ALA D 242 -4.19 -35.23 9.41
C ALA D 242 -4.01 -36.74 9.28
N LYS D 243 -4.90 -37.43 8.56
CA LYS D 243 -4.81 -38.88 8.44
C LYS D 243 -3.65 -39.35 7.57
N GLN D 244 -3.02 -38.46 6.81
CA GLN D 244 -1.97 -38.92 5.91
C GLN D 244 -0.75 -39.37 6.71
N PRO D 245 -0.14 -40.49 6.32
CA PRO D 245 0.86 -41.10 7.22
C PRO D 245 2.10 -40.26 7.44
N ASP D 246 2.47 -39.39 6.52
CA ASP D 246 3.69 -38.60 6.67
C ASP D 246 3.41 -37.13 6.94
N VAL D 247 2.16 -36.78 7.20
CA VAL D 247 1.76 -35.46 7.65
C VAL D 247 1.64 -35.52 9.17
N ASP D 248 2.48 -34.75 9.87
CA ASP D 248 2.56 -34.85 11.34
C ASP D 248 1.90 -33.67 12.02
N GLY D 249 1.20 -32.84 11.31
CA GLY D 249 0.58 -31.68 11.89
C GLY D 249 0.54 -30.56 10.88
N PHE D 250 0.39 -29.34 11.39
CA PHE D 250 0.08 -28.20 10.54
C PHE D 250 0.84 -26.96 10.98
N LEU D 251 1.20 -26.17 10.00
CA LEU D 251 1.57 -24.76 10.22
C LEU D 251 0.40 -23.96 9.65
N VAL D 252 -0.43 -23.44 10.54
CA VAL D 252 -1.72 -22.86 10.17
C VAL D 252 -1.54 -21.38 9.89
N GLY D 253 -2.24 -20.87 8.89
CA GLY D 253 -2.20 -19.45 8.61
C GLY D 253 -3.39 -18.72 9.20
N GLY D 254 -4.28 -18.20 8.34
CA GLY D 254 -5.37 -17.34 8.81
C GLY D 254 -6.29 -17.99 9.82
N ALA D 255 -6.42 -19.31 9.77
CA ALA D 255 -7.29 -19.96 10.74
C ALA D 255 -6.73 -19.92 12.17
N SER D 256 -5.45 -19.59 12.35
CA SER D 256 -4.88 -19.50 13.69
C SER D 256 -5.50 -18.35 14.51
N LEU D 257 -6.15 -17.41 13.85
CA LEU D 257 -6.81 -16.28 14.49
C LEU D 257 -8.27 -16.55 14.79
N LYS D 258 -8.78 -17.75 14.54
CA LYS D 258 -10.21 -18.01 14.55
C LYS D 258 -10.50 -19.24 15.37
N PRO D 259 -11.77 -19.47 15.77
CA PRO D 259 -12.08 -20.71 16.49
C PRO D 259 -11.72 -21.98 15.71
N ASP D 260 -11.54 -21.90 14.37
CA ASP D 260 -11.06 -23.06 13.62
C ASP D 260 -9.80 -23.65 14.20
N PHE D 261 -8.95 -22.80 14.81
CA PHE D 261 -7.67 -23.28 15.31
C PHE D 261 -7.85 -24.43 16.29
N ILE D 262 -8.88 -24.35 17.13
CA ILE D 262 -9.13 -25.40 18.11
C ILE D 262 -9.45 -26.71 17.41
N GLU D 263 -10.32 -26.66 16.39
CA GLU D 263 -10.65 -27.88 15.67
C GLU D 263 -9.44 -28.49 14.98
N ILE D 264 -8.55 -27.63 14.48
CA ILE D 264 -7.32 -28.09 13.82
C ILE D 264 -6.39 -28.74 14.83
N CYS D 265 -6.26 -28.13 16.02
CA CYS D 265 -5.49 -28.77 17.09
C CYS D 265 -6.04 -30.13 17.43
N ASN D 266 -7.36 -30.33 17.26
CA ASN D 266 -8.02 -31.58 17.59
C ASN D 266 -8.20 -32.49 16.38
N ALA D 267 -7.49 -32.22 15.28
CA ALA D 267 -7.74 -32.89 14.02
C ALA D 267 -7.29 -34.35 14.03
N ASN D 268 -6.31 -34.70 14.86
CA ASN D 268 -5.73 -36.04 14.83
C ASN D 268 -6.41 -36.97 15.81
N ALA D 269 -7.33 -36.48 16.61
CA ALA D 269 -8.01 -37.32 17.59
C ALA D 269 -9.50 -37.40 17.30
#